data_1PZW
# 
_entry.id   1PZW 
# 
_audit_conform.dict_name       mmcif_pdbx.dic 
_audit_conform.dict_version    5.386 
_audit_conform.dict_location   http://mmcif.pdb.org/dictionaries/ascii/mmcif_pdbx.dic 
# 
loop_
_database_2.database_id 
_database_2.database_code 
_database_2.pdbx_database_accession 
_database_2.pdbx_DOI 
PDB   1PZW         pdb_00001pzw 10.2210/pdb1pzw/pdb 
RCSB  RCSB019740   ?            ?                   
WWPDB D_1000019740 ?            ?                   
# 
loop_
_pdbx_audit_revision_history.ordinal 
_pdbx_audit_revision_history.data_content_type 
_pdbx_audit_revision_history.major_revision 
_pdbx_audit_revision_history.minor_revision 
_pdbx_audit_revision_history.revision_date 
1 'Structure model' 1 0 2003-11-04 
2 'Structure model' 1 1 2008-04-29 
3 'Structure model' 1 2 2011-07-13 
4 'Structure model' 1 3 2019-07-24 
5 'Structure model' 1 4 2024-02-14 
# 
_pdbx_audit_revision_details.ordinal             1 
_pdbx_audit_revision_details.revision_ordinal    1 
_pdbx_audit_revision_details.data_content_type   'Structure model' 
_pdbx_audit_revision_details.provider            repository 
_pdbx_audit_revision_details.type                'Initial release' 
_pdbx_audit_revision_details.description         ? 
_pdbx_audit_revision_details.details             ? 
# 
loop_
_pdbx_audit_revision_group.ordinal 
_pdbx_audit_revision_group.revision_ordinal 
_pdbx_audit_revision_group.data_content_type 
_pdbx_audit_revision_group.group 
1 2 'Structure model' 'Version format compliance' 
2 3 'Structure model' Advisory                    
3 3 'Structure model' 'Derived calculations'      
4 3 'Structure model' 'Version format compliance' 
5 4 'Structure model' 'Data collection'           
6 4 'Structure model' 'Refinement description'    
7 5 'Structure model' 'Data collection'           
8 5 'Structure model' 'Database references'       
9 5 'Structure model' 'Derived calculations'      
# 
loop_
_pdbx_audit_revision_category.ordinal 
_pdbx_audit_revision_category.revision_ordinal 
_pdbx_audit_revision_category.data_content_type 
_pdbx_audit_revision_category.category 
1 4 'Structure model' software               
2 5 'Structure model' chem_comp_atom         
3 5 'Structure model' chem_comp_bond         
4 5 'Structure model' database_2             
5 5 'Structure model' pdbx_struct_conn_angle 
6 5 'Structure model' struct_conn            
7 5 'Structure model' struct_site            
# 
loop_
_pdbx_audit_revision_item.ordinal 
_pdbx_audit_revision_item.revision_ordinal 
_pdbx_audit_revision_item.data_content_type 
_pdbx_audit_revision_item.item 
1  4 'Structure model' '_software.classification'                   
2  4 'Structure model' '_software.name'                             
3  4 'Structure model' '_software.version'                          
4  5 'Structure model' '_database_2.pdbx_DOI'                       
5  5 'Structure model' '_database_2.pdbx_database_accession'        
6  5 'Structure model' '_pdbx_struct_conn_angle.ptnr1_auth_seq_id'  
7  5 'Structure model' '_pdbx_struct_conn_angle.ptnr1_label_seq_id' 
8  5 'Structure model' '_pdbx_struct_conn_angle.ptnr3_auth_seq_id'  
9  5 'Structure model' '_pdbx_struct_conn_angle.ptnr3_label_seq_id' 
10 5 'Structure model' '_pdbx_struct_conn_angle.value'              
11 5 'Structure model' '_struct_conn.pdbx_dist_value'               
12 5 'Structure model' '_struct_conn.ptnr1_auth_comp_id'            
13 5 'Structure model' '_struct_conn.ptnr1_auth_seq_id'             
14 5 'Structure model' '_struct_conn.ptnr1_label_asym_id'           
15 5 'Structure model' '_struct_conn.ptnr1_label_atom_id'           
16 5 'Structure model' '_struct_conn.ptnr1_label_comp_id'           
17 5 'Structure model' '_struct_conn.ptnr1_label_seq_id'            
18 5 'Structure model' '_struct_conn.ptnr2_auth_comp_id'            
19 5 'Structure model' '_struct_conn.ptnr2_auth_seq_id'             
20 5 'Structure model' '_struct_conn.ptnr2_label_asym_id'           
21 5 'Structure model' '_struct_conn.ptnr2_label_atom_id'           
22 5 'Structure model' '_struct_conn.ptnr2_label_comp_id'           
23 5 'Structure model' '_struct_conn.ptnr2_label_seq_id'            
24 5 'Structure model' '_struct_site.pdbx_auth_asym_id'             
25 5 'Structure model' '_struct_site.pdbx_auth_comp_id'             
26 5 'Structure model' '_struct_site.pdbx_auth_seq_id'              
# 
_pdbx_database_status.status_code                     REL 
_pdbx_database_status.entry_id                        1PZW 
_pdbx_database_status.recvd_initial_deposition_date   2003-07-14 
_pdbx_database_status.deposit_site                    RCSB 
_pdbx_database_status.process_site                    RCSB 
_pdbx_database_status.status_code_sf                  REL 
_pdbx_database_status.SG_entry                        . 
_pdbx_database_status.pdb_format_compatible           Y 
_pdbx_database_status.status_code_mr                  ? 
_pdbx_database_status.status_code_cs                  ? 
_pdbx_database_status.methods_development_category    ? 
_pdbx_database_status.status_code_nmr_data            ? 
# 
loop_
_audit_author.name 
_audit_author.pdbx_ordinal 
'Jauch, R.'       1 
'Bourenkov, G.P.' 2 
'Chung, H.-R.'    3 
'Urlaub, H.'      4 
'Reidt, U.'       5 
'Jaeckle, H.'     6 
'Wahl, M.C.'      7 
# 
_citation.id                        primary 
_citation.title                     
;The zinc finger-associated domain of the Drosophila transcription factor grauzone is a novel zinc-coordinating protein-protein interaction module
;
_citation.journal_abbrev            STRUCTURE 
_citation.journal_volume            11 
_citation.page_first                1393 
_citation.page_last                 1402 
_citation.year                      2003 
_citation.journal_id_ASTM           STRUE6 
_citation.country                   UK 
_citation.journal_id_ISSN           0969-2126 
_citation.journal_id_CSD            2005 
_citation.book_publisher            ? 
_citation.pdbx_database_id_PubMed   14604529 
_citation.pdbx_database_id_DOI      10.1016/j.str.2003.09.015 
# 
loop_
_citation_author.citation_id 
_citation_author.name 
_citation_author.ordinal 
_citation_author.identifier_ORCID 
primary 'Jauch, R.'       1 ? 
primary 'Bourenkov, G.P.' 2 ? 
primary 'Chung, H.-R.'    3 ? 
primary 'Urlaub, H.'      4 ? 
primary 'Reidt, U.'       5 ? 
primary 'Wahl, M.C.'      6 ? 
# 
loop_
_entity.id 
_entity.type 
_entity.src_method 
_entity.pdbx_description 
_entity.formula_weight 
_entity.pdbx_number_of_molecules 
_entity.pdbx_ec 
_entity.pdbx_mutation 
_entity.pdbx_fragment 
_entity.details 
1 polymer     man 'Transcription factor grauzone' 9167.418 1  ? ? 'zinc finger associated domain (ZAD)' ? 
2 non-polymer syn 'ZINC ION'                      65.409   1  ? ? ?                                     ? 
3 water       nat water                           18.015   56 ? ? ?                                     ? 
# 
_entity_name_com.entity_id   1 
_entity_name_com.name        'Zinc finger associated domain of Drosophila Grauzone; grauzone CG33133-PA' 
# 
_entity_poly.entity_id                      1 
_entity_poly.type                           'polypeptide(L)' 
_entity_poly.nstd_linkage                   no 
_entity_poly.nstd_monomer                   no 
_entity_poly.pdbx_seq_one_letter_code       DICRLCLRGVSGAQMCLQIFDVDSGESKVAEVLRQHFWFEVLPNDEISKVICNVCWTQVSEFHQFYVSIQEAQVIYATTS 
_entity_poly.pdbx_seq_one_letter_code_can   DICRLCLRGVSGAQMCLQIFDVDSGESKVAEVLRQHFWFEVLPNDEISKVICNVCWTQVSEFHQFYVSIQEAQVIYATTS 
_entity_poly.pdbx_strand_id                 A 
_entity_poly.pdbx_target_identifier         ? 
# 
loop_
_pdbx_entity_nonpoly.entity_id 
_pdbx_entity_nonpoly.name 
_pdbx_entity_nonpoly.comp_id 
2 'ZINC ION' ZN  
3 water      HOH 
# 
loop_
_entity_poly_seq.entity_id 
_entity_poly_seq.num 
_entity_poly_seq.mon_id 
_entity_poly_seq.hetero 
1 1  ASP n 
1 2  ILE n 
1 3  CYS n 
1 4  ARG n 
1 5  LEU n 
1 6  CYS n 
1 7  LEU n 
1 8  ARG n 
1 9  GLY n 
1 10 VAL n 
1 11 SER n 
1 12 GLY n 
1 13 ALA n 
1 14 GLN n 
1 15 MET n 
1 16 CYS n 
1 17 LEU n 
1 18 GLN n 
1 19 ILE n 
1 20 PHE n 
1 21 ASP n 
1 22 VAL n 
1 23 ASP n 
1 24 SER n 
1 25 GLY n 
1 26 GLU n 
1 27 SER n 
1 28 LYS n 
1 29 VAL n 
1 30 ALA n 
1 31 GLU n 
1 32 VAL n 
1 33 LEU n 
1 34 ARG n 
1 35 GLN n 
1 36 HIS n 
1 37 PHE n 
1 38 TRP n 
1 39 PHE n 
1 40 GLU n 
1 41 VAL n 
1 42 LEU n 
1 43 PRO n 
1 44 ASN n 
1 45 ASP n 
1 46 GLU n 
1 47 ILE n 
1 48 SER n 
1 49 LYS n 
1 50 VAL n 
1 51 ILE n 
1 52 CYS n 
1 53 ASN n 
1 54 VAL n 
1 55 CYS n 
1 56 TRP n 
1 57 THR n 
1 58 GLN n 
1 59 VAL n 
1 60 SER n 
1 61 GLU n 
1 62 PHE n 
1 63 HIS n 
1 64 GLN n 
1 65 PHE n 
1 66 TYR n 
1 67 VAL n 
1 68 SER n 
1 69 ILE n 
1 70 GLN n 
1 71 GLU n 
1 72 ALA n 
1 73 GLN n 
1 74 VAL n 
1 75 ILE n 
1 76 TYR n 
1 77 ALA n 
1 78 THR n 
1 79 THR n 
1 80 SER n 
# 
_entity_src_gen.entity_id                          1 
_entity_src_gen.pdbx_src_id                        1 
_entity_src_gen.pdbx_alt_source_flag               sample 
_entity_src_gen.pdbx_seq_type                      ? 
_entity_src_gen.pdbx_beg_seq_num                   ? 
_entity_src_gen.pdbx_end_seq_num                   ? 
_entity_src_gen.gene_src_common_name               'fruit fly' 
_entity_src_gen.gene_src_genus                     Drosophila 
_entity_src_gen.pdbx_gene_src_gene                 grauzone 
_entity_src_gen.gene_src_species                   ? 
_entity_src_gen.gene_src_strain                    ? 
_entity_src_gen.gene_src_tissue                    ? 
_entity_src_gen.gene_src_tissue_fraction           ? 
_entity_src_gen.gene_src_details                   ? 
_entity_src_gen.pdbx_gene_src_fragment             ? 
_entity_src_gen.pdbx_gene_src_scientific_name      'Drosophila melanogaster' 
_entity_src_gen.pdbx_gene_src_ncbi_taxonomy_id     7227 
_entity_src_gen.pdbx_gene_src_variant              ? 
_entity_src_gen.pdbx_gene_src_cell_line            ? 
_entity_src_gen.pdbx_gene_src_atcc                 ? 
_entity_src_gen.pdbx_gene_src_organ                ? 
_entity_src_gen.pdbx_gene_src_organelle            ? 
_entity_src_gen.pdbx_gene_src_cell                 ? 
_entity_src_gen.pdbx_gene_src_cellular_location    ? 
_entity_src_gen.host_org_common_name               ? 
_entity_src_gen.pdbx_host_org_scientific_name      'Escherichia coli BL21(DE3)' 
_entity_src_gen.pdbx_host_org_ncbi_taxonomy_id     469008 
_entity_src_gen.host_org_genus                     Escherichia 
_entity_src_gen.pdbx_host_org_gene                 ? 
_entity_src_gen.pdbx_host_org_organ                ? 
_entity_src_gen.host_org_species                   'Escherichia coli' 
_entity_src_gen.pdbx_host_org_tissue               ? 
_entity_src_gen.pdbx_host_org_tissue_fraction      ? 
_entity_src_gen.pdbx_host_org_strain               'BL21(DE3)' 
_entity_src_gen.pdbx_host_org_variant              ? 
_entity_src_gen.pdbx_host_org_cell_line            ? 
_entity_src_gen.pdbx_host_org_atcc                 ? 
_entity_src_gen.pdbx_host_org_culture_collection   ? 
_entity_src_gen.pdbx_host_org_cell                 ? 
_entity_src_gen.pdbx_host_org_organelle            ? 
_entity_src_gen.pdbx_host_org_cellular_location    ? 
_entity_src_gen.pdbx_host_org_vector_type          plasmid 
_entity_src_gen.pdbx_host_org_vector               ? 
_entity_src_gen.host_org_details                   ? 
_entity_src_gen.expression_system_id               ? 
_entity_src_gen.plasmid_name                       pGEX 
_entity_src_gen.plasmid_details                    ? 
_entity_src_gen.pdbx_description                   ? 
# 
loop_
_chem_comp.id 
_chem_comp.type 
_chem_comp.mon_nstd_flag 
_chem_comp.name 
_chem_comp.pdbx_synonyms 
_chem_comp.formula 
_chem_comp.formula_weight 
ALA 'L-peptide linking' y ALANINE         ? 'C3 H7 N O2'     89.093  
ARG 'L-peptide linking' y ARGININE        ? 'C6 H15 N4 O2 1' 175.209 
ASN 'L-peptide linking' y ASPARAGINE      ? 'C4 H8 N2 O3'    132.118 
ASP 'L-peptide linking' y 'ASPARTIC ACID' ? 'C4 H7 N O4'     133.103 
CYS 'L-peptide linking' y CYSTEINE        ? 'C3 H7 N O2 S'   121.158 
GLN 'L-peptide linking' y GLUTAMINE       ? 'C5 H10 N2 O3'   146.144 
GLU 'L-peptide linking' y 'GLUTAMIC ACID' ? 'C5 H9 N O4'     147.129 
GLY 'peptide linking'   y GLYCINE         ? 'C2 H5 N O2'     75.067  
HIS 'L-peptide linking' y HISTIDINE       ? 'C6 H10 N3 O2 1' 156.162 
HOH non-polymer         . WATER           ? 'H2 O'           18.015  
ILE 'L-peptide linking' y ISOLEUCINE      ? 'C6 H13 N O2'    131.173 
LEU 'L-peptide linking' y LEUCINE         ? 'C6 H13 N O2'    131.173 
LYS 'L-peptide linking' y LYSINE          ? 'C6 H15 N2 O2 1' 147.195 
MET 'L-peptide linking' y METHIONINE      ? 'C5 H11 N O2 S'  149.211 
PHE 'L-peptide linking' y PHENYLALANINE   ? 'C9 H11 N O2'    165.189 
PRO 'L-peptide linking' y PROLINE         ? 'C5 H9 N O2'     115.130 
SER 'L-peptide linking' y SERINE          ? 'C3 H7 N O3'     105.093 
THR 'L-peptide linking' y THREONINE       ? 'C4 H9 N O3'     119.119 
TRP 'L-peptide linking' y TRYPTOPHAN      ? 'C11 H12 N2 O2'  204.225 
TYR 'L-peptide linking' y TYROSINE        ? 'C9 H11 N O3'    181.189 
VAL 'L-peptide linking' y VALINE          ? 'C5 H11 N O2'    117.146 
ZN  non-polymer         . 'ZINC ION'      ? 'Zn 2'           65.409  
# 
loop_
_pdbx_poly_seq_scheme.asym_id 
_pdbx_poly_seq_scheme.entity_id 
_pdbx_poly_seq_scheme.seq_id 
_pdbx_poly_seq_scheme.mon_id 
_pdbx_poly_seq_scheme.ndb_seq_num 
_pdbx_poly_seq_scheme.pdb_seq_num 
_pdbx_poly_seq_scheme.auth_seq_num 
_pdbx_poly_seq_scheme.pdb_mon_id 
_pdbx_poly_seq_scheme.auth_mon_id 
_pdbx_poly_seq_scheme.pdb_strand_id 
_pdbx_poly_seq_scheme.pdb_ins_code 
_pdbx_poly_seq_scheme.hetero 
A 1 1  ASP 1  2  2  ASP ASP A . n 
A 1 2  ILE 2  3  3  ILE ILE A . n 
A 1 3  CYS 3  4  4  CYS CYS A . n 
A 1 4  ARG 4  5  5  ARG ARG A . n 
A 1 5  LEU 5  6  6  LEU LEU A . n 
A 1 6  CYS 6  7  7  CYS CYS A . n 
A 1 7  LEU 7  8  8  LEU LEU A . n 
A 1 8  ARG 8  9  9  ARG ARG A . n 
A 1 9  GLY 9  10 10 GLY GLY A . n 
A 1 10 VAL 10 11 11 VAL VAL A . n 
A 1 11 SER 11 12 12 SER SER A . n 
A 1 12 GLY 12 13 13 GLY GLY A . n 
A 1 13 ALA 13 14 14 ALA ALA A . n 
A 1 14 GLN 14 15 15 GLN GLN A . n 
A 1 15 MET 15 16 16 MET MET A . n 
A 1 16 CYS 16 17 17 CYS CYS A . n 
A 1 17 LEU 17 18 18 LEU LEU A . n 
A 1 18 GLN 18 19 19 GLN GLN A . n 
A 1 19 ILE 19 20 20 ILE ILE A . n 
A 1 20 PHE 20 21 21 PHE PHE A . n 
A 1 21 ASP 21 22 22 ASP ASP A . n 
A 1 22 VAL 22 23 23 VAL VAL A . n 
A 1 23 ASP 23 24 24 ASP ASP A . n 
A 1 24 SER 24 25 25 SER SER A . n 
A 1 25 GLY 25 26 26 GLY GLY A . n 
A 1 26 GLU 26 27 27 GLU GLU A . n 
A 1 27 SER 27 28 28 SER SER A . n 
A 1 28 LYS 28 29 29 LYS LYS A . n 
A 1 29 VAL 29 30 30 VAL VAL A . n 
A 1 30 ALA 30 31 31 ALA ALA A . n 
A 1 31 GLU 31 32 32 GLU GLU A . n 
A 1 32 VAL 32 33 33 VAL VAL A . n 
A 1 33 LEU 33 34 34 LEU LEU A . n 
A 1 34 ARG 34 35 35 ARG ARG A . n 
A 1 35 GLN 35 36 36 GLN GLN A . n 
A 1 36 HIS 36 37 37 HIS HIS A . n 
A 1 37 PHE 37 38 38 PHE PHE A . n 
A 1 38 TRP 38 39 39 TRP TRP A . n 
A 1 39 PHE 39 40 40 PHE PHE A . n 
A 1 40 GLU 40 41 41 GLU GLU A . n 
A 1 41 VAL 41 42 42 VAL VAL A . n 
A 1 42 LEU 42 43 43 LEU LEU A . n 
A 1 43 PRO 43 44 44 PRO PRO A . n 
A 1 44 ASN 44 45 45 ASN ASN A . n 
A 1 45 ASP 45 46 46 ASP ASP A . n 
A 1 46 GLU 46 47 47 GLU GLU A . n 
A 1 47 ILE 47 48 48 ILE ILE A . n 
A 1 48 SER 48 49 49 SER SER A . n 
A 1 49 LYS 49 50 50 LYS LYS A . n 
A 1 50 VAL 50 51 51 VAL VAL A . n 
A 1 51 ILE 51 52 52 ILE ILE A . n 
A 1 52 CYS 52 53 53 CYS CYS A . n 
A 1 53 ASN 53 54 54 ASN ASN A . n 
A 1 54 VAL 54 55 55 VAL VAL A . n 
A 1 55 CYS 55 56 56 CYS CYS A . n 
A 1 56 TRP 56 57 57 TRP TRP A . n 
A 1 57 THR 57 58 58 THR THR A . n 
A 1 58 GLN 58 59 59 GLN GLN A . n 
A 1 59 VAL 59 60 60 VAL VAL A . n 
A 1 60 SER 60 61 61 SER SER A . n 
A 1 61 GLU 61 62 62 GLU GLU A . n 
A 1 62 PHE 62 63 63 PHE PHE A . n 
A 1 63 HIS 63 64 64 HIS HIS A . n 
A 1 64 GLN 64 65 65 GLN GLN A . n 
A 1 65 PHE 65 66 66 PHE PHE A . n 
A 1 66 TYR 66 67 67 TYR TYR A . n 
A 1 67 VAL 67 68 68 VAL VAL A . n 
A 1 68 SER 68 69 69 SER SER A . n 
A 1 69 ILE 69 70 70 ILE ILE A . n 
A 1 70 GLN 70 71 71 GLN GLN A . n 
A 1 71 GLU 71 72 72 GLU GLU A . n 
A 1 72 ALA 72 73 73 ALA ALA A . n 
A 1 73 GLN 73 74 74 GLN GLN A . n 
A 1 74 VAL 74 75 75 VAL VAL A . n 
A 1 75 ILE 75 76 76 ILE ILE A . n 
A 1 76 TYR 76 77 77 TYR TYR A . n 
A 1 77 ALA 77 78 78 ALA ALA A . n 
A 1 78 THR 78 79 79 THR THR A . n 
A 1 79 THR 79 80 80 THR THR A . n 
A 1 80 SER 80 81 81 SER SER A . n 
# 
loop_
_pdbx_nonpoly_scheme.asym_id 
_pdbx_nonpoly_scheme.entity_id 
_pdbx_nonpoly_scheme.mon_id 
_pdbx_nonpoly_scheme.ndb_seq_num 
_pdbx_nonpoly_scheme.pdb_seq_num 
_pdbx_nonpoly_scheme.auth_seq_num 
_pdbx_nonpoly_scheme.pdb_mon_id 
_pdbx_nonpoly_scheme.auth_mon_id 
_pdbx_nonpoly_scheme.pdb_strand_id 
_pdbx_nonpoly_scheme.pdb_ins_code 
B 2 ZN  1  100 100 ZN  ZN  A . 
C 3 HOH 1  101 1   HOH HOH A . 
C 3 HOH 2  102 2   HOH HOH A . 
C 3 HOH 3  103 3   HOH HOH A . 
C 3 HOH 4  104 4   HOH HOH A . 
C 3 HOH 5  105 5   HOH HOH A . 
C 3 HOH 6  106 6   HOH HOH A . 
C 3 HOH 7  107 7   HOH HOH A . 
C 3 HOH 8  108 8   HOH HOH A . 
C 3 HOH 9  109 9   HOH HOH A . 
C 3 HOH 10 110 10  HOH HOH A . 
C 3 HOH 11 111 11  HOH HOH A . 
C 3 HOH 12 112 12  HOH HOH A . 
C 3 HOH 13 113 13  HOH HOH A . 
C 3 HOH 14 114 14  HOH HOH A . 
C 3 HOH 15 115 15  HOH HOH A . 
C 3 HOH 16 116 16  HOH HOH A . 
C 3 HOH 17 117 17  HOH HOH A . 
C 3 HOH 18 118 18  HOH HOH A . 
C 3 HOH 19 119 19  HOH HOH A . 
C 3 HOH 20 120 20  HOH HOH A . 
C 3 HOH 21 121 21  HOH HOH A . 
C 3 HOH 22 122 22  HOH HOH A . 
C 3 HOH 23 123 23  HOH HOH A . 
C 3 HOH 24 124 24  HOH HOH A . 
C 3 HOH 25 125 25  HOH HOH A . 
C 3 HOH 26 126 26  HOH HOH A . 
C 3 HOH 27 127 27  HOH HOH A . 
C 3 HOH 28 128 28  HOH HOH A . 
C 3 HOH 29 129 29  HOH HOH A . 
C 3 HOH 30 130 30  HOH HOH A . 
C 3 HOH 31 131 31  HOH HOH A . 
C 3 HOH 32 132 32  HOH HOH A . 
C 3 HOH 33 133 33  HOH HOH A . 
C 3 HOH 34 134 34  HOH HOH A . 
C 3 HOH 35 135 35  HOH HOH A . 
C 3 HOH 36 136 36  HOH HOH A . 
C 3 HOH 37 137 37  HOH HOH A . 
C 3 HOH 38 138 38  HOH HOH A . 
C 3 HOH 39 139 39  HOH HOH A . 
C 3 HOH 40 140 40  HOH HOH A . 
C 3 HOH 41 141 41  HOH HOH A . 
C 3 HOH 42 142 42  HOH HOH A . 
C 3 HOH 43 143 43  HOH HOH A . 
C 3 HOH 44 144 44  HOH HOH A . 
C 3 HOH 45 145 45  HOH HOH A . 
C 3 HOH 46 146 46  HOH HOH A . 
C 3 HOH 47 147 47  HOH HOH A . 
C 3 HOH 48 148 48  HOH HOH A . 
C 3 HOH 49 149 49  HOH HOH A . 
C 3 HOH 50 150 50  HOH HOH A . 
C 3 HOH 51 151 51  HOH HOH A . 
C 3 HOH 52 152 52  HOH HOH A . 
C 3 HOH 53 153 53  HOH HOH A . 
C 3 HOH 54 154 54  HOH HOH A . 
C 3 HOH 55 155 55  HOH HOH A . 
C 3 HOH 56 156 56  HOH HOH A . 
# 
loop_
_software.name 
_software.classification 
_software.version 
_software.citation_id 
_software.pdbx_ordinal 
REFMAC    refinement        5.1 ? 1 
SCALEPACK 'data scaling'    .   ? 2 
MLPHARE   phasing           .   ? 3 
CNS       refinement        1.0 ? 4 
HKL-2000  'data collection' .   ? 5 
HKL-2000  'data reduction'  .   ? 6 
# 
_cell.entry_id           1PZW 
_cell.length_a           48.660 
_cell.length_b           48.660 
_cell.length_c           82.123 
_cell.angle_alpha        90.00 
_cell.angle_beta         90.00 
_cell.angle_gamma        90.00 
_cell.Z_PDB              8 
_cell.pdbx_unique_axis   ? 
# 
_symmetry.entry_id                         1PZW 
_symmetry.space_group_name_H-M             'P 41 21 2' 
_symmetry.cell_setting                     tetragonal 
_symmetry.pdbx_full_space_group_name_H-M   ? 
_symmetry.Int_Tables_number                92 
# 
_exptl.entry_id          1PZW 
_exptl.method            'X-RAY DIFFRACTION' 
_exptl.crystals_number   1 
# 
_exptl_crystal.id                    1 
_exptl_crystal.density_Matthews      2.48 
_exptl_crystal.density_percent_sol   50.1 
_exptl_crystal.density_meas          ? 
_exptl_crystal.description           ? 
# 
_exptl_crystal_grow.crystal_id      1 
_exptl_crystal_grow.method          'VAPOR DIFFUSION, SITTING DROP' 
_exptl_crystal_grow.temp            295 
_exptl_crystal_grow.pH              5.6 
_exptl_crystal_grow.pdbx_details    
'PEG 4000, ammonium acetate, sodium citrate, pH 5.6, VAPOR DIFFUSION, SITTING DROP, temperature 295K' 
_exptl_crystal_grow.temp_details    ? 
_exptl_crystal_grow.pdbx_pH_range   . 
# 
_diffrn.id                     1 
_diffrn.ambient_temp           100 
_diffrn.ambient_temp_details   ? 
_diffrn.crystal_id             1 
# 
_diffrn_detector.diffrn_id              1 
_diffrn_detector.detector               CCD 
_diffrn_detector.type                   MARRESEARCH 
_diffrn_detector.pdbx_collection_date   2003-02-10 
_diffrn_detector.details                mirrors 
# 
_diffrn_radiation.diffrn_id                        1 
_diffrn_radiation.wavelength_id                    1 
_diffrn_radiation.pdbx_monochromatic_or_laue_m_l   M 
_diffrn_radiation.monochromator                    'double Si(111) crystal monochromator' 
_diffrn_radiation.pdbx_diffrn_protocol             MAD 
_diffrn_radiation.pdbx_scattering_type             x-ray 
# 
loop_
_diffrn_radiation_wavelength.id 
_diffrn_radiation_wavelength.wavelength 
_diffrn_radiation_wavelength.wt 
1 1.0500 1.0 
2 1.2828 1.0 
# 
_diffrn_source.diffrn_id                   1 
_diffrn_source.source                      SYNCHROTRON 
_diffrn_source.type                        'MPG/DESY, HAMBURG BEAMLINE BW6' 
_diffrn_source.pdbx_synchrotron_site       'MPG/DESY, HAMBURG' 
_diffrn_source.pdbx_synchrotron_beamline   BW6 
_diffrn_source.pdbx_wavelength             ? 
_diffrn_source.pdbx_wavelength_list        '1.0500, 1.2828' 
# 
_reflns.entry_id                     1PZW 
_reflns.observed_criterion_sigma_F   ? 
_reflns.observed_criterion_sigma_I   1.0 
_reflns.d_resolution_high            1.95 
_reflns.d_resolution_low             50.0 
_reflns.number_all                   7120 
_reflns.number_obs                   6907 
_reflns.percent_possible_obs         97.0 
_reflns.pdbx_Rmerge_I_obs            ? 
_reflns.pdbx_Rsym_value              0.042 
_reflns.pdbx_netI_over_sigmaI        36.7 
_reflns.B_iso_Wilson_estimate        52.6 
_reflns.pdbx_redundancy              4.6 
_reflns.R_free_details               ? 
_reflns.limit_h_max                  ? 
_reflns.limit_h_min                  ? 
_reflns.limit_k_max                  ? 
_reflns.limit_k_min                  ? 
_reflns.limit_l_max                  ? 
_reflns.limit_l_min                  ? 
_reflns.observed_criterion_F_max     ? 
_reflns.observed_criterion_F_min     ? 
_reflns.pdbx_ordinal                 1 
_reflns.pdbx_diffrn_id               1 
# 
_reflns_shell.d_res_high             1.95 
_reflns_shell.d_res_low              2.00 
_reflns_shell.percent_possible_all   99.7 
_reflns_shell.Rmerge_I_obs           ? 
_reflns_shell.pdbx_Rsym_value        0.447 
_reflns_shell.meanI_over_sigI_obs    6.3 
_reflns_shell.pdbx_redundancy        ? 
_reflns_shell.percent_possible_obs   ? 
_reflns_shell.number_unique_all      ? 
_reflns_shell.pdbx_ordinal           1 
_reflns_shell.pdbx_diffrn_id         1 
# 
_refine.entry_id                                 1PZW 
_refine.ls_number_reflns_obs                     6590 
_refine.ls_number_reflns_all                     6775 
_refine.pdbx_ls_sigma_I                          ? 
_refine.pdbx_ls_sigma_F                          2.0 
_refine.pdbx_data_cutoff_high_absF               ? 
_refine.pdbx_data_cutoff_low_absF                ? 
_refine.pdbx_data_cutoff_high_rms_absF           ? 
_refine.ls_d_res_low                             15.00 
_refine.ls_d_res_high                            2.00 
_refine.ls_percent_reflns_obs                    97.27 
_refine.ls_R_factor_obs                          0.24204 
_refine.ls_R_factor_all                          ? 
_refine.ls_R_factor_R_work                       0.24083 
_refine.ls_R_factor_R_free                       0.26691 
_refine.ls_R_factor_R_free_error                 ? 
_refine.ls_R_factor_R_free_error_details         ? 
_refine.ls_percent_reflns_R_free                 4.7 
_refine.ls_number_reflns_R_free                  322 
_refine.ls_number_parameters                     ? 
_refine.ls_number_restraints                     ? 
_refine.occupancy_min                            ? 
_refine.occupancy_max                            ? 
_refine.correlation_coeff_Fo_to_Fc               0.942 
_refine.correlation_coeff_Fo_to_Fc_free          0.931 
_refine.B_iso_mean                               45.879 
_refine.aniso_B[1][1]                            0.19 
_refine.aniso_B[2][2]                            0.19 
_refine.aniso_B[3][3]                            -0.38 
_refine.aniso_B[1][2]                            0.00 
_refine.aniso_B[1][3]                            0.00 
_refine.aniso_B[2][3]                            0.00 
_refine.solvent_model_details                    'BABINET MODEL WITH MASK' 
_refine.solvent_model_param_ksol                 ? 
_refine.solvent_model_param_bsol                 ? 
_refine.pdbx_solvent_vdw_probe_radii             1.40 
_refine.pdbx_solvent_ion_probe_radii             0.80 
_refine.pdbx_solvent_shrinkage_radii             0.80 
_refine.pdbx_ls_cross_valid_method               THROUGHOUT 
_refine.details                                  
'HYDROGENS HAVE BEEN ADDED IN THE RIDING POSITIONS. for refinement used also CNS 1.0' 
_refine.pdbx_starting_model                      ? 
_refine.pdbx_method_to_determine_struct          MAD 
_refine.pdbx_isotropic_thermal_model             ? 
_refine.pdbx_stereochemistry_target_values       ? 
_refine.pdbx_stereochem_target_val_spec_case     ? 
_refine.pdbx_R_Free_selection_details            RANDOM 
_refine.pdbx_overall_ESU_R                       0.213 
_refine.pdbx_overall_ESU_R_Free                  0.179 
_refine.overall_SU_ML                            0.147 
_refine.overall_SU_B                             5.404 
_refine.ls_redundancy_reflns_obs                 ? 
_refine.B_iso_min                                ? 
_refine.B_iso_max                                ? 
_refine.overall_SU_R_Cruickshank_DPI             ? 
_refine.overall_SU_R_free                        ? 
_refine.pdbx_refine_id                           'X-RAY DIFFRACTION' 
_refine.pdbx_TLS_residual_ADP_flag               'LIKELY RESIDUAL' 
_refine.pdbx_diffrn_id                           1 
_refine.pdbx_overall_phase_error                 ? 
_refine.pdbx_overall_SU_R_free_Cruickshank_DPI   ? 
_refine.pdbx_overall_SU_R_Blow_DPI               ? 
_refine.pdbx_overall_SU_R_free_Blow_DPI          ? 
# 
_refine_hist.pdbx_refine_id                   'X-RAY DIFFRACTION' 
_refine_hist.cycle_id                         LAST 
_refine_hist.pdbx_number_atoms_protein        642 
_refine_hist.pdbx_number_atoms_nucleic_acid   0 
_refine_hist.pdbx_number_atoms_ligand         1 
_refine_hist.number_atoms_solvent             56 
_refine_hist.number_atoms_total               699 
_refine_hist.d_res_high                       2.00 
_refine_hist.d_res_low                        15.00 
# 
loop_
_refine_ls_restr.type 
_refine_ls_restr.dev_ideal 
_refine_ls_restr.dev_ideal_target 
_refine_ls_restr.weight 
_refine_ls_restr.number 
_refine_ls_restr.pdbx_refine_id 
_refine_ls_restr.pdbx_restraint_function 
r_bond_refined_d         0.009 0.021 ? 657  'X-RAY DIFFRACTION' ? 
r_bond_other_d           0.002 0.020 ? 575  'X-RAY DIFFRACTION' ? 
r_angle_refined_deg      1.206 1.913 ? 891  'X-RAY DIFFRACTION' ? 
r_angle_other_deg        0.834 3.000 ? 1336 'X-RAY DIFFRACTION' ? 
r_dihedral_angle_1_deg   6.175 5.000 ? 79   'X-RAY DIFFRACTION' ? 
r_chiral_restr           0.066 0.200 ? 101  'X-RAY DIFFRACTION' ? 
r_gen_planes_refined     0.005 0.020 ? 736  'X-RAY DIFFRACTION' ? 
r_gen_planes_other       0.002 0.020 ? 137  'X-RAY DIFFRACTION' ? 
r_nbd_refined            0.213 0.200 ? 183  'X-RAY DIFFRACTION' ? 
r_nbd_other              0.234 0.200 ? 687  'X-RAY DIFFRACTION' ? 
r_nbtor_other            0.085 0.200 ? 374  'X-RAY DIFFRACTION' ? 
r_xyhbond_nbd_refined    0.219 0.200 ? 35   'X-RAY DIFFRACTION' ? 
r_symmetry_vdw_refined   0.197 0.200 ? 22   'X-RAY DIFFRACTION' ? 
r_symmetry_vdw_other     0.196 0.200 ? 54   'X-RAY DIFFRACTION' ? 
r_symmetry_hbond_refined 0.135 0.200 ? 9    'X-RAY DIFFRACTION' ? 
r_mcbond_it              1.979 3.000 ? 398  'X-RAY DIFFRACTION' ? 
r_mcangle_it             3.556 4.000 ? 647  'X-RAY DIFFRACTION' ? 
r_scbond_it              3.259 6.000 ? 259  'X-RAY DIFFRACTION' ? 
r_scangle_it             5.211 9.000 ? 244  'X-RAY DIFFRACTION' ? 
# 
_refine_ls_shell.pdbx_total_number_of_bins_used   20 
_refine_ls_shell.d_res_high                       2.00 
_refine_ls_shell.d_res_low                        2.052 
_refine_ls_shell.number_reflns_R_work             475 
_refine_ls_shell.R_factor_R_work                  0.296 
_refine_ls_shell.percent_reflns_obs               ? 
_refine_ls_shell.R_factor_R_free                  0.337 
_refine_ls_shell.R_factor_R_free_error            ? 
_refine_ls_shell.percent_reflns_R_free            ? 
_refine_ls_shell.number_reflns_R_free             24 
_refine_ls_shell.number_reflns_obs                ? 
_refine_ls_shell.redundancy_reflns_obs            ? 
_refine_ls_shell.number_reflns_all                ? 
_refine_ls_shell.pdbx_refine_id                   'X-RAY DIFFRACTION' 
_refine_ls_shell.R_factor_all                     ? 
# 
_struct.entry_id                  1PZW 
_struct.title                     
'Crystal structure of the zinc finger associated domain of the Drosophila transcription factor Grauzone' 
_struct.pdbx_model_details        ? 
_struct.pdbx_CASP_flag            ? 
_struct.pdbx_model_type_details   ? 
# 
_struct_keywords.entry_id        1PZW 
_struct_keywords.pdbx_keywords   TRANSCRIPTION 
_struct_keywords.text            'dimerization, transcription regulation, treble-clef zinc finger, ZAD, transcription' 
# 
loop_
_struct_asym.id 
_struct_asym.pdbx_blank_PDB_chainid_flag 
_struct_asym.pdbx_modified 
_struct_asym.entity_id 
_struct_asym.details 
A N N 1 ? 
B N N 2 ? 
C N N 3 ? 
# 
_struct_ref.id                         1 
_struct_ref.entity_id                  1 
_struct_ref.db_name                    UNP 
_struct_ref.db_code                    GRAU_DROME 
_struct_ref.pdbx_db_accession          Q9U405 
_struct_ref.pdbx_align_begin           2 
_struct_ref.pdbx_seq_one_letter_code   
;DICRLCLRGVSGAQMCLQIFDVDSGESKVAEVLRQHFWFEVLPNDEISKVICNVCWTQVSEFHQFYVSIQEAQVIYATTS

;
_struct_ref.pdbx_db_isoform            ? 
# 
_struct_ref_seq.align_id                      1 
_struct_ref_seq.ref_id                        1 
_struct_ref_seq.pdbx_PDB_id_code              1PZW 
_struct_ref_seq.pdbx_strand_id                A 
_struct_ref_seq.seq_align_beg                 1 
_struct_ref_seq.pdbx_seq_align_beg_ins_code   ? 
_struct_ref_seq.seq_align_end                 80 
_struct_ref_seq.pdbx_seq_align_end_ins_code   ? 
_struct_ref_seq.pdbx_db_accession             Q9U405 
_struct_ref_seq.db_align_beg                  2 
_struct_ref_seq.pdbx_db_align_beg_ins_code    ? 
_struct_ref_seq.db_align_end                  81 
_struct_ref_seq.pdbx_db_align_end_ins_code    ? 
_struct_ref_seq.pdbx_auth_seq_align_beg       2 
_struct_ref_seq.pdbx_auth_seq_align_end       81 
# 
_pdbx_struct_assembly.id                   1 
_pdbx_struct_assembly.details              author_and_software_defined_assembly 
_pdbx_struct_assembly.method_details       PISA,PQS 
_pdbx_struct_assembly.oligomeric_details   dimeric 
_pdbx_struct_assembly.oligomeric_count     2 
# 
loop_
_pdbx_struct_assembly_prop.biol_id 
_pdbx_struct_assembly_prop.type 
_pdbx_struct_assembly_prop.value 
_pdbx_struct_assembly_prop.details 
1 'ABSA (A^2)' 2060  ? 
1 MORE         -23   ? 
1 'SSA (A^2)'  10200 ? 
# 
_pdbx_struct_assembly_gen.assembly_id       1 
_pdbx_struct_assembly_gen.oper_expression   1,2 
_pdbx_struct_assembly_gen.asym_id_list      A,B,C 
# 
loop_
_pdbx_struct_oper_list.id 
_pdbx_struct_oper_list.type 
_pdbx_struct_oper_list.name 
_pdbx_struct_oper_list.symmetry_operation 
_pdbx_struct_oper_list.matrix[1][1] 
_pdbx_struct_oper_list.matrix[1][2] 
_pdbx_struct_oper_list.matrix[1][3] 
_pdbx_struct_oper_list.vector[1] 
_pdbx_struct_oper_list.matrix[2][1] 
_pdbx_struct_oper_list.matrix[2][2] 
_pdbx_struct_oper_list.matrix[2][3] 
_pdbx_struct_oper_list.vector[2] 
_pdbx_struct_oper_list.matrix[3][1] 
_pdbx_struct_oper_list.matrix[3][2] 
_pdbx_struct_oper_list.matrix[3][3] 
_pdbx_struct_oper_list.vector[3] 
1 'identity operation'         1_555 x,y,z    1.0000000000  0.0000000000 0.0000000000  0.0000000000  0.0000000000 1.0000000000 0.0000000000  0.0000000000 0.0000000000  0.0000000000  1.0000000000  0.0000000000  
2 'crystal symmetry operation' 7_556 y,x,-z+1 -0.9520059823 0.3058134777 -0.0127564344 -9.9692490696 0.3058134777 0.9486154218 -0.0812828298 2.3038815487 -0.0127564344 -0.0812828298 -0.9966094395 17.7238955896 
# 
_struct_biol.id                    1 
_struct_biol.details               'The biological unit is a dimer, the dimer is generated by the twofold axis: y, x, -z' 
_struct_biol.pdbx_parent_biol_id   ? 
# 
loop_
_struct_conf.conf_type_id 
_struct_conf.id 
_struct_conf.pdbx_PDB_helix_id 
_struct_conf.beg_label_comp_id 
_struct_conf.beg_label_asym_id 
_struct_conf.beg_label_seq_id 
_struct_conf.pdbx_beg_PDB_ins_code 
_struct_conf.end_label_comp_id 
_struct_conf.end_label_asym_id 
_struct_conf.end_label_seq_id 
_struct_conf.pdbx_end_PDB_ins_code 
_struct_conf.beg_auth_comp_id 
_struct_conf.beg_auth_asym_id 
_struct_conf.beg_auth_seq_id 
_struct_conf.end_auth_comp_id 
_struct_conf.end_auth_asym_id 
_struct_conf.end_auth_seq_id 
_struct_conf.pdbx_PDB_helix_class 
_struct_conf.details 
_struct_conf.pdbx_PDB_helix_length 
HELX_P HELX_P1 1 LYS A 28 ? PHE A 37 ? LYS A 29 PHE A 38 1 ? 10 
HELX_P HELX_P2 2 ASN A 53 ? THR A 79 ? ASN A 54 THR A 80 1 ? 27 
# 
_struct_conf_type.id          HELX_P 
_struct_conf_type.criteria    ? 
_struct_conf_type.reference   ? 
# 
loop_
_struct_conn.id 
_struct_conn.conn_type_id 
_struct_conn.pdbx_leaving_atom_flag 
_struct_conn.pdbx_PDB_id 
_struct_conn.ptnr1_label_asym_id 
_struct_conn.ptnr1_label_comp_id 
_struct_conn.ptnr1_label_seq_id 
_struct_conn.ptnr1_label_atom_id 
_struct_conn.pdbx_ptnr1_label_alt_id 
_struct_conn.pdbx_ptnr1_PDB_ins_code 
_struct_conn.pdbx_ptnr1_standard_comp_id 
_struct_conn.ptnr1_symmetry 
_struct_conn.ptnr2_label_asym_id 
_struct_conn.ptnr2_label_comp_id 
_struct_conn.ptnr2_label_seq_id 
_struct_conn.ptnr2_label_atom_id 
_struct_conn.pdbx_ptnr2_label_alt_id 
_struct_conn.pdbx_ptnr2_PDB_ins_code 
_struct_conn.ptnr1_auth_asym_id 
_struct_conn.ptnr1_auth_comp_id 
_struct_conn.ptnr1_auth_seq_id 
_struct_conn.ptnr2_auth_asym_id 
_struct_conn.ptnr2_auth_comp_id 
_struct_conn.ptnr2_auth_seq_id 
_struct_conn.ptnr2_symmetry 
_struct_conn.pdbx_ptnr3_label_atom_id 
_struct_conn.pdbx_ptnr3_label_seq_id 
_struct_conn.pdbx_ptnr3_label_comp_id 
_struct_conn.pdbx_ptnr3_label_asym_id 
_struct_conn.pdbx_ptnr3_label_alt_id 
_struct_conn.pdbx_ptnr3_PDB_ins_code 
_struct_conn.details 
_struct_conn.pdbx_dist_value 
_struct_conn.pdbx_value_order 
_struct_conn.pdbx_role 
metalc1 metalc ? ? A CYS 3  SG ? ? ? 1_555 B ZN . ZN ? ? A CYS 4  A ZN 100 1_555 ? ? ? ? ? ? ? 2.157 ? ? 
metalc2 metalc ? ? A CYS 6  SG ? ? ? 1_555 B ZN . ZN ? ? A CYS 7  A ZN 100 1_555 ? ? ? ? ? ? ? 2.313 ? ? 
metalc3 metalc ? ? A CYS 52 SG ? ? ? 1_555 B ZN . ZN ? ? A CYS 53 A ZN 100 1_555 ? ? ? ? ? ? ? 2.441 ? ? 
metalc4 metalc ? ? A CYS 55 SG ? ? ? 1_555 B ZN . ZN ? ? A CYS 56 A ZN 100 1_555 ? ? ? ? ? ? ? 2.239 ? ? 
# 
_struct_conn_type.id          metalc 
_struct_conn_type.criteria    ? 
_struct_conn_type.reference   ? 
# 
loop_
_pdbx_struct_conn_angle.id 
_pdbx_struct_conn_angle.ptnr1_label_atom_id 
_pdbx_struct_conn_angle.ptnr1_label_alt_id 
_pdbx_struct_conn_angle.ptnr1_label_asym_id 
_pdbx_struct_conn_angle.ptnr1_label_comp_id 
_pdbx_struct_conn_angle.ptnr1_label_seq_id 
_pdbx_struct_conn_angle.ptnr1_auth_atom_id 
_pdbx_struct_conn_angle.ptnr1_auth_asym_id 
_pdbx_struct_conn_angle.ptnr1_auth_comp_id 
_pdbx_struct_conn_angle.ptnr1_auth_seq_id 
_pdbx_struct_conn_angle.ptnr1_PDB_ins_code 
_pdbx_struct_conn_angle.ptnr1_symmetry 
_pdbx_struct_conn_angle.ptnr2_label_atom_id 
_pdbx_struct_conn_angle.ptnr2_label_alt_id 
_pdbx_struct_conn_angle.ptnr2_label_asym_id 
_pdbx_struct_conn_angle.ptnr2_label_comp_id 
_pdbx_struct_conn_angle.ptnr2_label_seq_id 
_pdbx_struct_conn_angle.ptnr2_auth_atom_id 
_pdbx_struct_conn_angle.ptnr2_auth_asym_id 
_pdbx_struct_conn_angle.ptnr2_auth_comp_id 
_pdbx_struct_conn_angle.ptnr2_auth_seq_id 
_pdbx_struct_conn_angle.ptnr2_PDB_ins_code 
_pdbx_struct_conn_angle.ptnr2_symmetry 
_pdbx_struct_conn_angle.ptnr3_label_atom_id 
_pdbx_struct_conn_angle.ptnr3_label_alt_id 
_pdbx_struct_conn_angle.ptnr3_label_asym_id 
_pdbx_struct_conn_angle.ptnr3_label_comp_id 
_pdbx_struct_conn_angle.ptnr3_label_seq_id 
_pdbx_struct_conn_angle.ptnr3_auth_atom_id 
_pdbx_struct_conn_angle.ptnr3_auth_asym_id 
_pdbx_struct_conn_angle.ptnr3_auth_comp_id 
_pdbx_struct_conn_angle.ptnr3_auth_seq_id 
_pdbx_struct_conn_angle.ptnr3_PDB_ins_code 
_pdbx_struct_conn_angle.ptnr3_symmetry 
_pdbx_struct_conn_angle.value 
_pdbx_struct_conn_angle.value_esd 
1 SG ? A CYS 3  ? A CYS 4  ? 1_555 ZN ? B ZN . ? A ZN 100 ? 1_555 SG ? A CYS 6  ? A CYS 7  ? 1_555 102.3 ? 
2 SG ? A CYS 3  ? A CYS 4  ? 1_555 ZN ? B ZN . ? A ZN 100 ? 1_555 SG ? A CYS 52 ? A CYS 53 ? 1_555 110.5 ? 
3 SG ? A CYS 6  ? A CYS 7  ? 1_555 ZN ? B ZN . ? A ZN 100 ? 1_555 SG ? A CYS 52 ? A CYS 53 ? 1_555 115.0 ? 
4 SG ? A CYS 3  ? A CYS 4  ? 1_555 ZN ? B ZN . ? A ZN 100 ? 1_555 SG ? A CYS 55 ? A CYS 56 ? 1_555 114.8 ? 
5 SG ? A CYS 6  ? A CYS 7  ? 1_555 ZN ? B ZN . ? A ZN 100 ? 1_555 SG ? A CYS 55 ? A CYS 56 ? 1_555 108.0 ? 
6 SG ? A CYS 52 ? A CYS 53 ? 1_555 ZN ? B ZN . ? A ZN 100 ? 1_555 SG ? A CYS 55 ? A CYS 56 ? 1_555 106.5 ? 
# 
_struct_sheet.id               A 
_struct_sheet.type             ? 
_struct_sheet.number_strands   2 
_struct_sheet.details          ? 
# 
_struct_sheet_order.sheet_id     A 
_struct_sheet_order.range_id_1   1 
_struct_sheet_order.range_id_2   2 
_struct_sheet_order.offset       ? 
_struct_sheet_order.sense        anti-parallel 
# 
loop_
_struct_sheet_range.sheet_id 
_struct_sheet_range.id 
_struct_sheet_range.beg_label_comp_id 
_struct_sheet_range.beg_label_asym_id 
_struct_sheet_range.beg_label_seq_id 
_struct_sheet_range.pdbx_beg_PDB_ins_code 
_struct_sheet_range.end_label_comp_id 
_struct_sheet_range.end_label_asym_id 
_struct_sheet_range.end_label_seq_id 
_struct_sheet_range.pdbx_end_PDB_ins_code 
_struct_sheet_range.beg_auth_comp_id 
_struct_sheet_range.beg_auth_asym_id 
_struct_sheet_range.beg_auth_seq_id 
_struct_sheet_range.end_auth_comp_id 
_struct_sheet_range.end_auth_asym_id 
_struct_sheet_range.end_auth_seq_id 
A 1 CYS A 16 ? GLN A 18 ? CYS A 17 GLN A 19 
A 2 VAL A 50 ? CYS A 52 ? VAL A 51 CYS A 53 
# 
_pdbx_struct_sheet_hbond.sheet_id                A 
_pdbx_struct_sheet_hbond.range_id_1              1 
_pdbx_struct_sheet_hbond.range_id_2              2 
_pdbx_struct_sheet_hbond.range_1_label_atom_id   N 
_pdbx_struct_sheet_hbond.range_1_label_comp_id   LEU 
_pdbx_struct_sheet_hbond.range_1_label_asym_id   A 
_pdbx_struct_sheet_hbond.range_1_label_seq_id    17 
_pdbx_struct_sheet_hbond.range_1_PDB_ins_code    ? 
_pdbx_struct_sheet_hbond.range_1_auth_atom_id    N 
_pdbx_struct_sheet_hbond.range_1_auth_comp_id    LEU 
_pdbx_struct_sheet_hbond.range_1_auth_asym_id    A 
_pdbx_struct_sheet_hbond.range_1_auth_seq_id     18 
_pdbx_struct_sheet_hbond.range_2_label_atom_id   O 
_pdbx_struct_sheet_hbond.range_2_label_comp_id   ILE 
_pdbx_struct_sheet_hbond.range_2_label_asym_id   A 
_pdbx_struct_sheet_hbond.range_2_label_seq_id    51 
_pdbx_struct_sheet_hbond.range_2_PDB_ins_code    ? 
_pdbx_struct_sheet_hbond.range_2_auth_atom_id    O 
_pdbx_struct_sheet_hbond.range_2_auth_comp_id    ILE 
_pdbx_struct_sheet_hbond.range_2_auth_asym_id    A 
_pdbx_struct_sheet_hbond.range_2_auth_seq_id     52 
# 
_struct_site.id                   AC1 
_struct_site.pdbx_evidence_code   Software 
_struct_site.pdbx_auth_asym_id    A 
_struct_site.pdbx_auth_comp_id    ZN 
_struct_site.pdbx_auth_seq_id     100 
_struct_site.pdbx_auth_ins_code   ? 
_struct_site.pdbx_num_residues    4 
_struct_site.details              'BINDING SITE FOR RESIDUE ZN A 100' 
# 
loop_
_struct_site_gen.id 
_struct_site_gen.site_id 
_struct_site_gen.pdbx_num_res 
_struct_site_gen.label_comp_id 
_struct_site_gen.label_asym_id 
_struct_site_gen.label_seq_id 
_struct_site_gen.pdbx_auth_ins_code 
_struct_site_gen.auth_comp_id 
_struct_site_gen.auth_asym_id 
_struct_site_gen.auth_seq_id 
_struct_site_gen.label_atom_id 
_struct_site_gen.label_alt_id 
_struct_site_gen.symmetry 
_struct_site_gen.details 
1 AC1 4 CYS A 3  ? CYS A 4  . ? 1_555 ? 
2 AC1 4 CYS A 6  ? CYS A 7  . ? 1_555 ? 
3 AC1 4 CYS A 52 ? CYS A 53 . ? 1_555 ? 
4 AC1 4 CYS A 55 ? CYS A 56 . ? 1_555 ? 
# 
loop_
_pdbx_validate_torsion.id 
_pdbx_validate_torsion.PDB_model_num 
_pdbx_validate_torsion.auth_comp_id 
_pdbx_validate_torsion.auth_asym_id 
_pdbx_validate_torsion.auth_seq_id 
_pdbx_validate_torsion.PDB_ins_code 
_pdbx_validate_torsion.label_alt_id 
_pdbx_validate_torsion.phi 
_pdbx_validate_torsion.psi 
1 1 ALA A 14 ? ? 161.05 -16.88  
2 1 VAL A 23 ? ? 40.79  118.88  
3 1 SER A 25 ? ? -86.00 -129.58 
4 1 GLU A 27 ? ? 65.26  116.76  
5 1 LYS A 29 ? ? 74.14  -52.27  
6 1 ASN A 45 ? ? -64.82 -91.24  
7 1 ASP A 46 ? ? 58.86  109.87  
8 1 SER A 49 ? ? 175.65 155.94  
# 
_pdbx_validate_planes.id              1 
_pdbx_validate_planes.PDB_model_num   1 
_pdbx_validate_planes.auth_comp_id    TYR 
_pdbx_validate_planes.auth_asym_id    A 
_pdbx_validate_planes.auth_seq_id     77 
_pdbx_validate_planes.PDB_ins_code    ? 
_pdbx_validate_planes.label_alt_id    ? 
_pdbx_validate_planes.rmsd            0.062 
_pdbx_validate_planes.type            'SIDE CHAIN' 
# 
loop_
_pdbx_refine_tls.id 
_pdbx_refine_tls.details 
_pdbx_refine_tls.method 
_pdbx_refine_tls.origin_x 
_pdbx_refine_tls.origin_y 
_pdbx_refine_tls.origin_z 
_pdbx_refine_tls.T[1][1] 
_pdbx_refine_tls.T[2][2] 
_pdbx_refine_tls.T[3][3] 
_pdbx_refine_tls.T[1][2] 
_pdbx_refine_tls.T[1][3] 
_pdbx_refine_tls.T[2][3] 
_pdbx_refine_tls.L[1][1] 
_pdbx_refine_tls.L[2][2] 
_pdbx_refine_tls.L[3][3] 
_pdbx_refine_tls.L[1][2] 
_pdbx_refine_tls.L[1][3] 
_pdbx_refine_tls.L[2][3] 
_pdbx_refine_tls.S[1][1] 
_pdbx_refine_tls.S[1][2] 
_pdbx_refine_tls.S[1][3] 
_pdbx_refine_tls.S[2][1] 
_pdbx_refine_tls.S[2][2] 
_pdbx_refine_tls.S[2][3] 
_pdbx_refine_tls.S[3][1] 
_pdbx_refine_tls.S[3][2] 
_pdbx_refine_tls.S[3][3] 
_pdbx_refine_tls.pdbx_refine_id 
1 ? refined 9.1148   -6.9506 0.0386  0.2212 0.3692 0.3348 0.0647  0.0595 -0.2121 5.9303  2.4140 10.5823 1.7734  3.5942  4.4242 -0.1063 1.0649 -0.9773 0.0780  0.6150 -0.4676 0.3627  1.5110  -0.5087 'X-RAY DIFFRACTION' 
2 ? refined 4.8193   4.0252  -3.1244 0.3999 0.2259 0.2822 -0.1651 0.2452 0.0269  2.6866  3.6328 4.0497  0.8102  4.6546  1.7632 -0.3624 0.9585 0.3749  -0.2801 0.4106 -0.1877 -0.8428 0.4883  -0.0482 'X-RAY DIFFRACTION' 
3 ? refined -13.0719 1.2613  4.8731  0.3111 0.1484 0.2204 0.0051  0.0536 0.0187  10.9160 4.2661 1.4966  -5.6285 -0.2012 0.7708 -0.1266 0.1250 -0.5100 -0.2372 0.1064 0.2523  0.2171  -0.3349 0.0201  'X-RAY DIFFRACTION' 
4 ? refined 6.9548   -6.5343 4.4314  0.2915 0.1233 0.2903 0.0755  0.0305 -0.0771 0.0000  0.0000 0.0000  0.0000  0.0000  0.0000 0.0000  0.0000 0.0000  0.0000  0.0000 0.0000  0.0000  0.0000  0.0000  'X-RAY DIFFRACTION' 
# 
loop_
_pdbx_refine_tls_group.id 
_pdbx_refine_tls_group.refine_tls_id 
_pdbx_refine_tls_group.beg_label_asym_id 
_pdbx_refine_tls_group.beg_label_seq_id 
_pdbx_refine_tls_group.beg_auth_seq_id 
_pdbx_refine_tls_group.end_label_asym_id 
_pdbx_refine_tls_group.end_label_seq_id 
_pdbx_refine_tls_group.end_auth_seq_id 
_pdbx_refine_tls_group.selection 
_pdbx_refine_tls_group.beg_auth_asym_id 
_pdbx_refine_tls_group.end_auth_asym_id 
_pdbx_refine_tls_group.pdbx_refine_id 
_pdbx_refine_tls_group.selection_details 
1 1 A 1  2   A 18 19  ? A A 'X-RAY DIFFRACTION' ? 
2 1 A 50 51  A 53 54  ? A A 'X-RAY DIFFRACTION' ? 
3 2 A 19 20  A 49 50  ? A A 'X-RAY DIFFRACTION' ? 
4 3 A 54 55  A 80 81  ? A A 'X-RAY DIFFRACTION' ? 
5 4 B 1  100 B 1  100 ? A A 'X-RAY DIFFRACTION' ? 
# 
loop_
_chem_comp_atom.comp_id 
_chem_comp_atom.atom_id 
_chem_comp_atom.type_symbol 
_chem_comp_atom.pdbx_aromatic_flag 
_chem_comp_atom.pdbx_stereo_config 
_chem_comp_atom.pdbx_ordinal 
ALA N    N  N N 1   
ALA CA   C  N S 2   
ALA C    C  N N 3   
ALA O    O  N N 4   
ALA CB   C  N N 5   
ALA OXT  O  N N 6   
ALA H    H  N N 7   
ALA H2   H  N N 8   
ALA HA   H  N N 9   
ALA HB1  H  N N 10  
ALA HB2  H  N N 11  
ALA HB3  H  N N 12  
ALA HXT  H  N N 13  
ARG N    N  N N 14  
ARG CA   C  N S 15  
ARG C    C  N N 16  
ARG O    O  N N 17  
ARG CB   C  N N 18  
ARG CG   C  N N 19  
ARG CD   C  N N 20  
ARG NE   N  N N 21  
ARG CZ   C  N N 22  
ARG NH1  N  N N 23  
ARG NH2  N  N N 24  
ARG OXT  O  N N 25  
ARG H    H  N N 26  
ARG H2   H  N N 27  
ARG HA   H  N N 28  
ARG HB2  H  N N 29  
ARG HB3  H  N N 30  
ARG HG2  H  N N 31  
ARG HG3  H  N N 32  
ARG HD2  H  N N 33  
ARG HD3  H  N N 34  
ARG HE   H  N N 35  
ARG HH11 H  N N 36  
ARG HH12 H  N N 37  
ARG HH21 H  N N 38  
ARG HH22 H  N N 39  
ARG HXT  H  N N 40  
ASN N    N  N N 41  
ASN CA   C  N S 42  
ASN C    C  N N 43  
ASN O    O  N N 44  
ASN CB   C  N N 45  
ASN CG   C  N N 46  
ASN OD1  O  N N 47  
ASN ND2  N  N N 48  
ASN OXT  O  N N 49  
ASN H    H  N N 50  
ASN H2   H  N N 51  
ASN HA   H  N N 52  
ASN HB2  H  N N 53  
ASN HB3  H  N N 54  
ASN HD21 H  N N 55  
ASN HD22 H  N N 56  
ASN HXT  H  N N 57  
ASP N    N  N N 58  
ASP CA   C  N S 59  
ASP C    C  N N 60  
ASP O    O  N N 61  
ASP CB   C  N N 62  
ASP CG   C  N N 63  
ASP OD1  O  N N 64  
ASP OD2  O  N N 65  
ASP OXT  O  N N 66  
ASP H    H  N N 67  
ASP H2   H  N N 68  
ASP HA   H  N N 69  
ASP HB2  H  N N 70  
ASP HB3  H  N N 71  
ASP HD2  H  N N 72  
ASP HXT  H  N N 73  
CYS N    N  N N 74  
CYS CA   C  N R 75  
CYS C    C  N N 76  
CYS O    O  N N 77  
CYS CB   C  N N 78  
CYS SG   S  N N 79  
CYS OXT  O  N N 80  
CYS H    H  N N 81  
CYS H2   H  N N 82  
CYS HA   H  N N 83  
CYS HB2  H  N N 84  
CYS HB3  H  N N 85  
CYS HG   H  N N 86  
CYS HXT  H  N N 87  
GLN N    N  N N 88  
GLN CA   C  N S 89  
GLN C    C  N N 90  
GLN O    O  N N 91  
GLN CB   C  N N 92  
GLN CG   C  N N 93  
GLN CD   C  N N 94  
GLN OE1  O  N N 95  
GLN NE2  N  N N 96  
GLN OXT  O  N N 97  
GLN H    H  N N 98  
GLN H2   H  N N 99  
GLN HA   H  N N 100 
GLN HB2  H  N N 101 
GLN HB3  H  N N 102 
GLN HG2  H  N N 103 
GLN HG3  H  N N 104 
GLN HE21 H  N N 105 
GLN HE22 H  N N 106 
GLN HXT  H  N N 107 
GLU N    N  N N 108 
GLU CA   C  N S 109 
GLU C    C  N N 110 
GLU O    O  N N 111 
GLU CB   C  N N 112 
GLU CG   C  N N 113 
GLU CD   C  N N 114 
GLU OE1  O  N N 115 
GLU OE2  O  N N 116 
GLU OXT  O  N N 117 
GLU H    H  N N 118 
GLU H2   H  N N 119 
GLU HA   H  N N 120 
GLU HB2  H  N N 121 
GLU HB3  H  N N 122 
GLU HG2  H  N N 123 
GLU HG3  H  N N 124 
GLU HE2  H  N N 125 
GLU HXT  H  N N 126 
GLY N    N  N N 127 
GLY CA   C  N N 128 
GLY C    C  N N 129 
GLY O    O  N N 130 
GLY OXT  O  N N 131 
GLY H    H  N N 132 
GLY H2   H  N N 133 
GLY HA2  H  N N 134 
GLY HA3  H  N N 135 
GLY HXT  H  N N 136 
HIS N    N  N N 137 
HIS CA   C  N S 138 
HIS C    C  N N 139 
HIS O    O  N N 140 
HIS CB   C  N N 141 
HIS CG   C  Y N 142 
HIS ND1  N  Y N 143 
HIS CD2  C  Y N 144 
HIS CE1  C  Y N 145 
HIS NE2  N  Y N 146 
HIS OXT  O  N N 147 
HIS H    H  N N 148 
HIS H2   H  N N 149 
HIS HA   H  N N 150 
HIS HB2  H  N N 151 
HIS HB3  H  N N 152 
HIS HD1  H  N N 153 
HIS HD2  H  N N 154 
HIS HE1  H  N N 155 
HIS HE2  H  N N 156 
HIS HXT  H  N N 157 
HOH O    O  N N 158 
HOH H1   H  N N 159 
HOH H2   H  N N 160 
ILE N    N  N N 161 
ILE CA   C  N S 162 
ILE C    C  N N 163 
ILE O    O  N N 164 
ILE CB   C  N S 165 
ILE CG1  C  N N 166 
ILE CG2  C  N N 167 
ILE CD1  C  N N 168 
ILE OXT  O  N N 169 
ILE H    H  N N 170 
ILE H2   H  N N 171 
ILE HA   H  N N 172 
ILE HB   H  N N 173 
ILE HG12 H  N N 174 
ILE HG13 H  N N 175 
ILE HG21 H  N N 176 
ILE HG22 H  N N 177 
ILE HG23 H  N N 178 
ILE HD11 H  N N 179 
ILE HD12 H  N N 180 
ILE HD13 H  N N 181 
ILE HXT  H  N N 182 
LEU N    N  N N 183 
LEU CA   C  N S 184 
LEU C    C  N N 185 
LEU O    O  N N 186 
LEU CB   C  N N 187 
LEU CG   C  N N 188 
LEU CD1  C  N N 189 
LEU CD2  C  N N 190 
LEU OXT  O  N N 191 
LEU H    H  N N 192 
LEU H2   H  N N 193 
LEU HA   H  N N 194 
LEU HB2  H  N N 195 
LEU HB3  H  N N 196 
LEU HG   H  N N 197 
LEU HD11 H  N N 198 
LEU HD12 H  N N 199 
LEU HD13 H  N N 200 
LEU HD21 H  N N 201 
LEU HD22 H  N N 202 
LEU HD23 H  N N 203 
LEU HXT  H  N N 204 
LYS N    N  N N 205 
LYS CA   C  N S 206 
LYS C    C  N N 207 
LYS O    O  N N 208 
LYS CB   C  N N 209 
LYS CG   C  N N 210 
LYS CD   C  N N 211 
LYS CE   C  N N 212 
LYS NZ   N  N N 213 
LYS OXT  O  N N 214 
LYS H    H  N N 215 
LYS H2   H  N N 216 
LYS HA   H  N N 217 
LYS HB2  H  N N 218 
LYS HB3  H  N N 219 
LYS HG2  H  N N 220 
LYS HG3  H  N N 221 
LYS HD2  H  N N 222 
LYS HD3  H  N N 223 
LYS HE2  H  N N 224 
LYS HE3  H  N N 225 
LYS HZ1  H  N N 226 
LYS HZ2  H  N N 227 
LYS HZ3  H  N N 228 
LYS HXT  H  N N 229 
MET N    N  N N 230 
MET CA   C  N S 231 
MET C    C  N N 232 
MET O    O  N N 233 
MET CB   C  N N 234 
MET CG   C  N N 235 
MET SD   S  N N 236 
MET CE   C  N N 237 
MET OXT  O  N N 238 
MET H    H  N N 239 
MET H2   H  N N 240 
MET HA   H  N N 241 
MET HB2  H  N N 242 
MET HB3  H  N N 243 
MET HG2  H  N N 244 
MET HG3  H  N N 245 
MET HE1  H  N N 246 
MET HE2  H  N N 247 
MET HE3  H  N N 248 
MET HXT  H  N N 249 
PHE N    N  N N 250 
PHE CA   C  N S 251 
PHE C    C  N N 252 
PHE O    O  N N 253 
PHE CB   C  N N 254 
PHE CG   C  Y N 255 
PHE CD1  C  Y N 256 
PHE CD2  C  Y N 257 
PHE CE1  C  Y N 258 
PHE CE2  C  Y N 259 
PHE CZ   C  Y N 260 
PHE OXT  O  N N 261 
PHE H    H  N N 262 
PHE H2   H  N N 263 
PHE HA   H  N N 264 
PHE HB2  H  N N 265 
PHE HB3  H  N N 266 
PHE HD1  H  N N 267 
PHE HD2  H  N N 268 
PHE HE1  H  N N 269 
PHE HE2  H  N N 270 
PHE HZ   H  N N 271 
PHE HXT  H  N N 272 
PRO N    N  N N 273 
PRO CA   C  N S 274 
PRO C    C  N N 275 
PRO O    O  N N 276 
PRO CB   C  N N 277 
PRO CG   C  N N 278 
PRO CD   C  N N 279 
PRO OXT  O  N N 280 
PRO H    H  N N 281 
PRO HA   H  N N 282 
PRO HB2  H  N N 283 
PRO HB3  H  N N 284 
PRO HG2  H  N N 285 
PRO HG3  H  N N 286 
PRO HD2  H  N N 287 
PRO HD3  H  N N 288 
PRO HXT  H  N N 289 
SER N    N  N N 290 
SER CA   C  N S 291 
SER C    C  N N 292 
SER O    O  N N 293 
SER CB   C  N N 294 
SER OG   O  N N 295 
SER OXT  O  N N 296 
SER H    H  N N 297 
SER H2   H  N N 298 
SER HA   H  N N 299 
SER HB2  H  N N 300 
SER HB3  H  N N 301 
SER HG   H  N N 302 
SER HXT  H  N N 303 
THR N    N  N N 304 
THR CA   C  N S 305 
THR C    C  N N 306 
THR O    O  N N 307 
THR CB   C  N R 308 
THR OG1  O  N N 309 
THR CG2  C  N N 310 
THR OXT  O  N N 311 
THR H    H  N N 312 
THR H2   H  N N 313 
THR HA   H  N N 314 
THR HB   H  N N 315 
THR HG1  H  N N 316 
THR HG21 H  N N 317 
THR HG22 H  N N 318 
THR HG23 H  N N 319 
THR HXT  H  N N 320 
TRP N    N  N N 321 
TRP CA   C  N S 322 
TRP C    C  N N 323 
TRP O    O  N N 324 
TRP CB   C  N N 325 
TRP CG   C  Y N 326 
TRP CD1  C  Y N 327 
TRP CD2  C  Y N 328 
TRP NE1  N  Y N 329 
TRP CE2  C  Y N 330 
TRP CE3  C  Y N 331 
TRP CZ2  C  Y N 332 
TRP CZ3  C  Y N 333 
TRP CH2  C  Y N 334 
TRP OXT  O  N N 335 
TRP H    H  N N 336 
TRP H2   H  N N 337 
TRP HA   H  N N 338 
TRP HB2  H  N N 339 
TRP HB3  H  N N 340 
TRP HD1  H  N N 341 
TRP HE1  H  N N 342 
TRP HE3  H  N N 343 
TRP HZ2  H  N N 344 
TRP HZ3  H  N N 345 
TRP HH2  H  N N 346 
TRP HXT  H  N N 347 
TYR N    N  N N 348 
TYR CA   C  N S 349 
TYR C    C  N N 350 
TYR O    O  N N 351 
TYR CB   C  N N 352 
TYR CG   C  Y N 353 
TYR CD1  C  Y N 354 
TYR CD2  C  Y N 355 
TYR CE1  C  Y N 356 
TYR CE2  C  Y N 357 
TYR CZ   C  Y N 358 
TYR OH   O  N N 359 
TYR OXT  O  N N 360 
TYR H    H  N N 361 
TYR H2   H  N N 362 
TYR HA   H  N N 363 
TYR HB2  H  N N 364 
TYR HB3  H  N N 365 
TYR HD1  H  N N 366 
TYR HD2  H  N N 367 
TYR HE1  H  N N 368 
TYR HE2  H  N N 369 
TYR HH   H  N N 370 
TYR HXT  H  N N 371 
VAL N    N  N N 372 
VAL CA   C  N S 373 
VAL C    C  N N 374 
VAL O    O  N N 375 
VAL CB   C  N N 376 
VAL CG1  C  N N 377 
VAL CG2  C  N N 378 
VAL OXT  O  N N 379 
VAL H    H  N N 380 
VAL H2   H  N N 381 
VAL HA   H  N N 382 
VAL HB   H  N N 383 
VAL HG11 H  N N 384 
VAL HG12 H  N N 385 
VAL HG13 H  N N 386 
VAL HG21 H  N N 387 
VAL HG22 H  N N 388 
VAL HG23 H  N N 389 
VAL HXT  H  N N 390 
ZN  ZN   ZN N N 391 
# 
loop_
_chem_comp_bond.comp_id 
_chem_comp_bond.atom_id_1 
_chem_comp_bond.atom_id_2 
_chem_comp_bond.value_order 
_chem_comp_bond.pdbx_aromatic_flag 
_chem_comp_bond.pdbx_stereo_config 
_chem_comp_bond.pdbx_ordinal 
ALA N   CA   sing N N 1   
ALA N   H    sing N N 2   
ALA N   H2   sing N N 3   
ALA CA  C    sing N N 4   
ALA CA  CB   sing N N 5   
ALA CA  HA   sing N N 6   
ALA C   O    doub N N 7   
ALA C   OXT  sing N N 8   
ALA CB  HB1  sing N N 9   
ALA CB  HB2  sing N N 10  
ALA CB  HB3  sing N N 11  
ALA OXT HXT  sing N N 12  
ARG N   CA   sing N N 13  
ARG N   H    sing N N 14  
ARG N   H2   sing N N 15  
ARG CA  C    sing N N 16  
ARG CA  CB   sing N N 17  
ARG CA  HA   sing N N 18  
ARG C   O    doub N N 19  
ARG C   OXT  sing N N 20  
ARG CB  CG   sing N N 21  
ARG CB  HB2  sing N N 22  
ARG CB  HB3  sing N N 23  
ARG CG  CD   sing N N 24  
ARG CG  HG2  sing N N 25  
ARG CG  HG3  sing N N 26  
ARG CD  NE   sing N N 27  
ARG CD  HD2  sing N N 28  
ARG CD  HD3  sing N N 29  
ARG NE  CZ   sing N N 30  
ARG NE  HE   sing N N 31  
ARG CZ  NH1  sing N N 32  
ARG CZ  NH2  doub N N 33  
ARG NH1 HH11 sing N N 34  
ARG NH1 HH12 sing N N 35  
ARG NH2 HH21 sing N N 36  
ARG NH2 HH22 sing N N 37  
ARG OXT HXT  sing N N 38  
ASN N   CA   sing N N 39  
ASN N   H    sing N N 40  
ASN N   H2   sing N N 41  
ASN CA  C    sing N N 42  
ASN CA  CB   sing N N 43  
ASN CA  HA   sing N N 44  
ASN C   O    doub N N 45  
ASN C   OXT  sing N N 46  
ASN CB  CG   sing N N 47  
ASN CB  HB2  sing N N 48  
ASN CB  HB3  sing N N 49  
ASN CG  OD1  doub N N 50  
ASN CG  ND2  sing N N 51  
ASN ND2 HD21 sing N N 52  
ASN ND2 HD22 sing N N 53  
ASN OXT HXT  sing N N 54  
ASP N   CA   sing N N 55  
ASP N   H    sing N N 56  
ASP N   H2   sing N N 57  
ASP CA  C    sing N N 58  
ASP CA  CB   sing N N 59  
ASP CA  HA   sing N N 60  
ASP C   O    doub N N 61  
ASP C   OXT  sing N N 62  
ASP CB  CG   sing N N 63  
ASP CB  HB2  sing N N 64  
ASP CB  HB3  sing N N 65  
ASP CG  OD1  doub N N 66  
ASP CG  OD2  sing N N 67  
ASP OD2 HD2  sing N N 68  
ASP OXT HXT  sing N N 69  
CYS N   CA   sing N N 70  
CYS N   H    sing N N 71  
CYS N   H2   sing N N 72  
CYS CA  C    sing N N 73  
CYS CA  CB   sing N N 74  
CYS CA  HA   sing N N 75  
CYS C   O    doub N N 76  
CYS C   OXT  sing N N 77  
CYS CB  SG   sing N N 78  
CYS CB  HB2  sing N N 79  
CYS CB  HB3  sing N N 80  
CYS SG  HG   sing N N 81  
CYS OXT HXT  sing N N 82  
GLN N   CA   sing N N 83  
GLN N   H    sing N N 84  
GLN N   H2   sing N N 85  
GLN CA  C    sing N N 86  
GLN CA  CB   sing N N 87  
GLN CA  HA   sing N N 88  
GLN C   O    doub N N 89  
GLN C   OXT  sing N N 90  
GLN CB  CG   sing N N 91  
GLN CB  HB2  sing N N 92  
GLN CB  HB3  sing N N 93  
GLN CG  CD   sing N N 94  
GLN CG  HG2  sing N N 95  
GLN CG  HG3  sing N N 96  
GLN CD  OE1  doub N N 97  
GLN CD  NE2  sing N N 98  
GLN NE2 HE21 sing N N 99  
GLN NE2 HE22 sing N N 100 
GLN OXT HXT  sing N N 101 
GLU N   CA   sing N N 102 
GLU N   H    sing N N 103 
GLU N   H2   sing N N 104 
GLU CA  C    sing N N 105 
GLU CA  CB   sing N N 106 
GLU CA  HA   sing N N 107 
GLU C   O    doub N N 108 
GLU C   OXT  sing N N 109 
GLU CB  CG   sing N N 110 
GLU CB  HB2  sing N N 111 
GLU CB  HB3  sing N N 112 
GLU CG  CD   sing N N 113 
GLU CG  HG2  sing N N 114 
GLU CG  HG3  sing N N 115 
GLU CD  OE1  doub N N 116 
GLU CD  OE2  sing N N 117 
GLU OE2 HE2  sing N N 118 
GLU OXT HXT  sing N N 119 
GLY N   CA   sing N N 120 
GLY N   H    sing N N 121 
GLY N   H2   sing N N 122 
GLY CA  C    sing N N 123 
GLY CA  HA2  sing N N 124 
GLY CA  HA3  sing N N 125 
GLY C   O    doub N N 126 
GLY C   OXT  sing N N 127 
GLY OXT HXT  sing N N 128 
HIS N   CA   sing N N 129 
HIS N   H    sing N N 130 
HIS N   H2   sing N N 131 
HIS CA  C    sing N N 132 
HIS CA  CB   sing N N 133 
HIS CA  HA   sing N N 134 
HIS C   O    doub N N 135 
HIS C   OXT  sing N N 136 
HIS CB  CG   sing N N 137 
HIS CB  HB2  sing N N 138 
HIS CB  HB3  sing N N 139 
HIS CG  ND1  sing Y N 140 
HIS CG  CD2  doub Y N 141 
HIS ND1 CE1  doub Y N 142 
HIS ND1 HD1  sing N N 143 
HIS CD2 NE2  sing Y N 144 
HIS CD2 HD2  sing N N 145 
HIS CE1 NE2  sing Y N 146 
HIS CE1 HE1  sing N N 147 
HIS NE2 HE2  sing N N 148 
HIS OXT HXT  sing N N 149 
HOH O   H1   sing N N 150 
HOH O   H2   sing N N 151 
ILE N   CA   sing N N 152 
ILE N   H    sing N N 153 
ILE N   H2   sing N N 154 
ILE CA  C    sing N N 155 
ILE CA  CB   sing N N 156 
ILE CA  HA   sing N N 157 
ILE C   O    doub N N 158 
ILE C   OXT  sing N N 159 
ILE CB  CG1  sing N N 160 
ILE CB  CG2  sing N N 161 
ILE CB  HB   sing N N 162 
ILE CG1 CD1  sing N N 163 
ILE CG1 HG12 sing N N 164 
ILE CG1 HG13 sing N N 165 
ILE CG2 HG21 sing N N 166 
ILE CG2 HG22 sing N N 167 
ILE CG2 HG23 sing N N 168 
ILE CD1 HD11 sing N N 169 
ILE CD1 HD12 sing N N 170 
ILE CD1 HD13 sing N N 171 
ILE OXT HXT  sing N N 172 
LEU N   CA   sing N N 173 
LEU N   H    sing N N 174 
LEU N   H2   sing N N 175 
LEU CA  C    sing N N 176 
LEU CA  CB   sing N N 177 
LEU CA  HA   sing N N 178 
LEU C   O    doub N N 179 
LEU C   OXT  sing N N 180 
LEU CB  CG   sing N N 181 
LEU CB  HB2  sing N N 182 
LEU CB  HB3  sing N N 183 
LEU CG  CD1  sing N N 184 
LEU CG  CD2  sing N N 185 
LEU CG  HG   sing N N 186 
LEU CD1 HD11 sing N N 187 
LEU CD1 HD12 sing N N 188 
LEU CD1 HD13 sing N N 189 
LEU CD2 HD21 sing N N 190 
LEU CD2 HD22 sing N N 191 
LEU CD2 HD23 sing N N 192 
LEU OXT HXT  sing N N 193 
LYS N   CA   sing N N 194 
LYS N   H    sing N N 195 
LYS N   H2   sing N N 196 
LYS CA  C    sing N N 197 
LYS CA  CB   sing N N 198 
LYS CA  HA   sing N N 199 
LYS C   O    doub N N 200 
LYS C   OXT  sing N N 201 
LYS CB  CG   sing N N 202 
LYS CB  HB2  sing N N 203 
LYS CB  HB3  sing N N 204 
LYS CG  CD   sing N N 205 
LYS CG  HG2  sing N N 206 
LYS CG  HG3  sing N N 207 
LYS CD  CE   sing N N 208 
LYS CD  HD2  sing N N 209 
LYS CD  HD3  sing N N 210 
LYS CE  NZ   sing N N 211 
LYS CE  HE2  sing N N 212 
LYS CE  HE3  sing N N 213 
LYS NZ  HZ1  sing N N 214 
LYS NZ  HZ2  sing N N 215 
LYS NZ  HZ3  sing N N 216 
LYS OXT HXT  sing N N 217 
MET N   CA   sing N N 218 
MET N   H    sing N N 219 
MET N   H2   sing N N 220 
MET CA  C    sing N N 221 
MET CA  CB   sing N N 222 
MET CA  HA   sing N N 223 
MET C   O    doub N N 224 
MET C   OXT  sing N N 225 
MET CB  CG   sing N N 226 
MET CB  HB2  sing N N 227 
MET CB  HB3  sing N N 228 
MET CG  SD   sing N N 229 
MET CG  HG2  sing N N 230 
MET CG  HG3  sing N N 231 
MET SD  CE   sing N N 232 
MET CE  HE1  sing N N 233 
MET CE  HE2  sing N N 234 
MET CE  HE3  sing N N 235 
MET OXT HXT  sing N N 236 
PHE N   CA   sing N N 237 
PHE N   H    sing N N 238 
PHE N   H2   sing N N 239 
PHE CA  C    sing N N 240 
PHE CA  CB   sing N N 241 
PHE CA  HA   sing N N 242 
PHE C   O    doub N N 243 
PHE C   OXT  sing N N 244 
PHE CB  CG   sing N N 245 
PHE CB  HB2  sing N N 246 
PHE CB  HB3  sing N N 247 
PHE CG  CD1  doub Y N 248 
PHE CG  CD2  sing Y N 249 
PHE CD1 CE1  sing Y N 250 
PHE CD1 HD1  sing N N 251 
PHE CD2 CE2  doub Y N 252 
PHE CD2 HD2  sing N N 253 
PHE CE1 CZ   doub Y N 254 
PHE CE1 HE1  sing N N 255 
PHE CE2 CZ   sing Y N 256 
PHE CE2 HE2  sing N N 257 
PHE CZ  HZ   sing N N 258 
PHE OXT HXT  sing N N 259 
PRO N   CA   sing N N 260 
PRO N   CD   sing N N 261 
PRO N   H    sing N N 262 
PRO CA  C    sing N N 263 
PRO CA  CB   sing N N 264 
PRO CA  HA   sing N N 265 
PRO C   O    doub N N 266 
PRO C   OXT  sing N N 267 
PRO CB  CG   sing N N 268 
PRO CB  HB2  sing N N 269 
PRO CB  HB3  sing N N 270 
PRO CG  CD   sing N N 271 
PRO CG  HG2  sing N N 272 
PRO CG  HG3  sing N N 273 
PRO CD  HD2  sing N N 274 
PRO CD  HD3  sing N N 275 
PRO OXT HXT  sing N N 276 
SER N   CA   sing N N 277 
SER N   H    sing N N 278 
SER N   H2   sing N N 279 
SER CA  C    sing N N 280 
SER CA  CB   sing N N 281 
SER CA  HA   sing N N 282 
SER C   O    doub N N 283 
SER C   OXT  sing N N 284 
SER CB  OG   sing N N 285 
SER CB  HB2  sing N N 286 
SER CB  HB3  sing N N 287 
SER OG  HG   sing N N 288 
SER OXT HXT  sing N N 289 
THR N   CA   sing N N 290 
THR N   H    sing N N 291 
THR N   H2   sing N N 292 
THR CA  C    sing N N 293 
THR CA  CB   sing N N 294 
THR CA  HA   sing N N 295 
THR C   O    doub N N 296 
THR C   OXT  sing N N 297 
THR CB  OG1  sing N N 298 
THR CB  CG2  sing N N 299 
THR CB  HB   sing N N 300 
THR OG1 HG1  sing N N 301 
THR CG2 HG21 sing N N 302 
THR CG2 HG22 sing N N 303 
THR CG2 HG23 sing N N 304 
THR OXT HXT  sing N N 305 
TRP N   CA   sing N N 306 
TRP N   H    sing N N 307 
TRP N   H2   sing N N 308 
TRP CA  C    sing N N 309 
TRP CA  CB   sing N N 310 
TRP CA  HA   sing N N 311 
TRP C   O    doub N N 312 
TRP C   OXT  sing N N 313 
TRP CB  CG   sing N N 314 
TRP CB  HB2  sing N N 315 
TRP CB  HB3  sing N N 316 
TRP CG  CD1  doub Y N 317 
TRP CG  CD2  sing Y N 318 
TRP CD1 NE1  sing Y N 319 
TRP CD1 HD1  sing N N 320 
TRP CD2 CE2  doub Y N 321 
TRP CD2 CE3  sing Y N 322 
TRP NE1 CE2  sing Y N 323 
TRP NE1 HE1  sing N N 324 
TRP CE2 CZ2  sing Y N 325 
TRP CE3 CZ3  doub Y N 326 
TRP CE3 HE3  sing N N 327 
TRP CZ2 CH2  doub Y N 328 
TRP CZ2 HZ2  sing N N 329 
TRP CZ3 CH2  sing Y N 330 
TRP CZ3 HZ3  sing N N 331 
TRP CH2 HH2  sing N N 332 
TRP OXT HXT  sing N N 333 
TYR N   CA   sing N N 334 
TYR N   H    sing N N 335 
TYR N   H2   sing N N 336 
TYR CA  C    sing N N 337 
TYR CA  CB   sing N N 338 
TYR CA  HA   sing N N 339 
TYR C   O    doub N N 340 
TYR C   OXT  sing N N 341 
TYR CB  CG   sing N N 342 
TYR CB  HB2  sing N N 343 
TYR CB  HB3  sing N N 344 
TYR CG  CD1  doub Y N 345 
TYR CG  CD2  sing Y N 346 
TYR CD1 CE1  sing Y N 347 
TYR CD1 HD1  sing N N 348 
TYR CD2 CE2  doub Y N 349 
TYR CD2 HD2  sing N N 350 
TYR CE1 CZ   doub Y N 351 
TYR CE1 HE1  sing N N 352 
TYR CE2 CZ   sing Y N 353 
TYR CE2 HE2  sing N N 354 
TYR CZ  OH   sing N N 355 
TYR OH  HH   sing N N 356 
TYR OXT HXT  sing N N 357 
VAL N   CA   sing N N 358 
VAL N   H    sing N N 359 
VAL N   H2   sing N N 360 
VAL CA  C    sing N N 361 
VAL CA  CB   sing N N 362 
VAL CA  HA   sing N N 363 
VAL C   O    doub N N 364 
VAL C   OXT  sing N N 365 
VAL CB  CG1  sing N N 366 
VAL CB  CG2  sing N N 367 
VAL CB  HB   sing N N 368 
VAL CG1 HG11 sing N N 369 
VAL CG1 HG12 sing N N 370 
VAL CG1 HG13 sing N N 371 
VAL CG2 HG21 sing N N 372 
VAL CG2 HG22 sing N N 373 
VAL CG2 HG23 sing N N 374 
VAL OXT HXT  sing N N 375 
# 
_atom_sites.entry_id                    1PZW 
_atom_sites.fract_transf_matrix[1][1]   0.00639759 
_atom_sites.fract_transf_matrix[1][2]   0.01427407 
_atom_sites.fract_transf_matrix[1][3]   0.01332912 
_atom_sites.fract_transf_matrix[2][1]   -0.00189537 
_atom_sites.fract_transf_matrix[2][2]   0.01441365 
_atom_sites.fract_transf_matrix[2][3]   -0.01452577 
_atom_sites.fract_transf_matrix[3][1]   -0.01151731 
_atom_sites.fract_transf_matrix[3][2]   0.00195095 
_atom_sites.fract_transf_matrix[3][3]   0.00343871 
_atom_sites.fract_transf_vector[1]      0.107119 
_atom_sites.fract_transf_vector[2]      0.312470 
_atom_sites.fract_transf_vector[3]      0.409875 
# 
loop_
_atom_type.symbol 
C  
N  
O  
S  
ZN 
# 
loop_
_atom_site.group_PDB 
_atom_site.id 
_atom_site.type_symbol 
_atom_site.label_atom_id 
_atom_site.label_alt_id 
_atom_site.label_comp_id 
_atom_site.label_asym_id 
_atom_site.label_entity_id 
_atom_site.label_seq_id 
_atom_site.pdbx_PDB_ins_code 
_atom_site.Cartn_x 
_atom_site.Cartn_y 
_atom_site.Cartn_z 
_atom_site.occupancy 
_atom_site.B_iso_or_equiv 
_atom_site.pdbx_formal_charge 
_atom_site.auth_seq_id 
_atom_site.auth_comp_id 
_atom_site.auth_asym_id 
_atom_site.auth_atom_id 
_atom_site.pdbx_PDB_model_num 
ATOM   1   N  N   . ASP A 1 1  ? 17.343  -7.452  -2.017  1.00 60.05 ? 2   ASP A N   1 
ATOM   2   C  CA  . ASP A 1 1  ? 16.175  -6.521  -1.986  1.00 59.95 ? 2   ASP A CA  1 
ATOM   3   C  C   . ASP A 1 1  ? 15.490  -6.583  -0.621  1.00 56.76 ? 2   ASP A C   1 
ATOM   4   O  O   . ASP A 1 1  ? 15.721  -7.502  0.162   1.00 56.57 ? 2   ASP A O   1 
ATOM   5   C  CB  . ASP A 1 1  ? 15.178  -6.857  -3.110  1.00 61.69 ? 2   ASP A CB  1 
ATOM   6   C  CG  . ASP A 1 1  ? 14.628  -5.610  -3.812  1.00 66.39 ? 2   ASP A CG  1 
ATOM   7   O  OD1 . ASP A 1 1  ? 14.191  -5.737  -4.982  1.00 69.89 ? 2   ASP A OD1 1 
ATOM   8   O  OD2 . ASP A 1 1  ? 14.589  -4.471  -3.279  1.00 71.87 ? 2   ASP A OD2 1 
ATOM   9   N  N   . ILE A 1 2  ? 14.644  -5.601  -0.343  1.00 52.94 ? 3   ILE A N   1 
ATOM   10  C  CA  . ILE A 1 2  ? 14.013  -5.488  0.970   1.00 50.35 ? 3   ILE A CA  1 
ATOM   11  C  C   . ILE A 1 2  ? 12.584  -4.957  0.835   1.00 46.02 ? 3   ILE A C   1 
ATOM   12  O  O   . ILE A 1 2  ? 12.295  -4.175  -0.073  1.00 45.03 ? 3   ILE A O   1 
ATOM   13  C  CB  . ILE A 1 2  ? 14.927  -4.602  1.888   1.00 50.48 ? 3   ILE A CB  1 
ATOM   14  C  CG1 . ILE A 1 2  ? 15.014  -5.193  3.288   1.00 52.49 ? 3   ILE A CG1 1 
ATOM   15  C  CG2 . ILE A 1 2  ? 14.474  -3.144  1.946   1.00 52.35 ? 3   ILE A CG2 1 
ATOM   16  C  CD1 . ILE A 1 2  ? 15.971  -6.356  3.396   1.00 53.33 ? 3   ILE A CD1 1 
ATOM   17  N  N   . CYS A 1 3  ? 11.684  -5.410  1.703   1.00 42.18 ? 4   CYS A N   1 
ATOM   18  C  CA  . CYS A 1 3  ? 10.314  -4.897  1.713   1.00 39.45 ? 4   CYS A CA  1 
ATOM   19  C  C   . CYS A 1 3  ? 10.350  -3.435  2.195   1.00 39.86 ? 4   CYS A C   1 
ATOM   20  O  O   . CYS A 1 3  ? 10.921  -3.126  3.238   1.00 39.17 ? 4   CYS A O   1 
ATOM   21  C  CB  . CYS A 1 3  ? 9.408   -5.773  2.602   1.00 39.90 ? 4   CYS A CB  1 
ATOM   22  S  SG  . CYS A 1 3  ? 7.713   -5.190  2.924   1.00 31.86 ? 4   CYS A SG  1 
ATOM   23  N  N   . ARG A 1 4  ? 9.779   -2.532  1.409   1.00 39.50 ? 5   ARG A N   1 
ATOM   24  C  CA  . ARG A 1 4  ? 9.707   -1.119  1.768   1.00 39.00 ? 5   ARG A CA  1 
ATOM   25  C  C   . ARG A 1 4  ? 9.043   -0.857  3.136   1.00 38.16 ? 5   ARG A C   1 
ATOM   26  O  O   . ARG A 1 4  ? 9.403   0.093   3.824   1.00 38.85 ? 5   ARG A O   1 
ATOM   27  C  CB  . ARG A 1 4  ? 8.965   -0.338  0.678   1.00 39.03 ? 5   ARG A CB  1 
ATOM   28  C  CG  . ARG A 1 4  ? 8.829   1.170   0.949   1.00 40.88 ? 5   ARG A CG  1 
ATOM   29  C  CD  . ARG A 1 4  ? 10.130  1.947   0.828   1.00 43.49 ? 5   ARG A CD  1 
ATOM   30  N  NE  . ARG A 1 4  ? 9.978   3.349   1.217   1.00 46.29 ? 5   ARG A NE  1 
ATOM   31  C  CZ  . ARG A 1 4  ? 10.026  3.794   2.473   1.00 47.52 ? 5   ARG A CZ  1 
ATOM   32  N  NH1 . ARG A 1 4  ? 9.883   5.089   2.716   1.00 48.38 ? 5   ARG A NH1 1 
ATOM   33  N  NH2 . ARG A 1 4  ? 10.205  2.960   3.484   1.00 45.55 ? 5   ARG A NH2 1 
ATOM   34  N  N   . LEU A 1 5  ? 8.088   -1.699  3.523   1.00 37.56 ? 6   LEU A N   1 
ATOM   35  C  CA  . LEU A 1 5  ? 7.377   -1.528  4.782   1.00 36.87 ? 6   LEU A CA  1 
ATOM   36  C  C   . LEU A 1 5  ? 8.111   -2.139  5.964   1.00 37.32 ? 6   LEU A C   1 
ATOM   37  O  O   . LEU A 1 5  ? 8.489   -1.408  6.876   1.00 34.58 ? 6   LEU A O   1 
ATOM   38  C  CB  . LEU A 1 5  ? 5.950   -2.079  4.686   1.00 35.21 ? 6   LEU A CB  1 
ATOM   39  C  CG  . LEU A 1 5  ? 4.876   -1.019  4.573   1.00 36.58 ? 6   LEU A CG  1 
ATOM   40  C  CD1 . LEU A 1 5  ? 5.076   -0.224  3.301   1.00 40.92 ? 6   LEU A CD1 1 
ATOM   41  C  CD2 . LEU A 1 5  ? 3.508   -1.688  4.601   1.00 35.17 ? 6   LEU A CD2 1 
ATOM   42  N  N   . CYS A 1 6  ? 8.279   -3.464  5.967   1.00 37.92 ? 7   CYS A N   1 
ATOM   43  C  CA  . CYS A 1 6  ? 8.847   -4.184  7.125   1.00 39.16 ? 7   CYS A CA  1 
ATOM   44  C  C   . CYS A 1 6  ? 10.373  -4.249  7.104   1.00 42.35 ? 7   CYS A C   1 
ATOM   45  O  O   . CYS A 1 6  ? 11.004  -4.586  8.112   1.00 39.52 ? 7   CYS A O   1 
ATOM   46  C  CB  . CYS A 1 6  ? 8.266   -5.609  7.238   1.00 41.01 ? 7   CYS A CB  1 
ATOM   47  S  SG  . CYS A 1 6  ? 8.675   -6.744  5.888   1.00 40.02 ? 7   CYS A SG  1 
ATOM   48  N  N   . LEU A 1 7  ? 10.943  -3.924  5.944   1.00 43.99 ? 8   LEU A N   1 
ATOM   49  C  CA  . LEU A 1 7  ? 12.389  -3.876  5.729   1.00 47.28 ? 8   LEU A CA  1 
ATOM   50  C  C   . LEU A 1 7  ? 13.083  -5.219  5.964   1.00 49.95 ? 8   LEU A C   1 
ATOM   51  O  O   . LEU A 1 7  ? 14.289  -5.267  6.202   1.00 50.23 ? 8   LEU A O   1 
ATOM   52  C  CB  . LEU A 1 7  ? 13.019  -2.763  6.570   1.00 45.89 ? 8   LEU A CB  1 
ATOM   53  C  CG  . LEU A 1 7  ? 12.398  -1.379  6.346   1.00 46.45 ? 8   LEU A CG  1 
ATOM   54  C  CD1 . LEU A 1 7  ? 12.848  -0.427  7.428   1.00 47.98 ? 8   LEU A CD1 1 
ATOM   55  C  CD2 . LEU A 1 7  ? 12.733  -0.820  4.990   1.00 46.08 ? 8   LEU A CD2 1 
ATOM   56  N  N   . ARG A 1 8  ? 12.312  -6.301  5.866   1.00 53.95 ? 9   ARG A N   1 
ATOM   57  C  CA  . ARG A 1 8  ? 12.820  -7.646  6.066   1.00 57.13 ? 9   ARG A CA  1 
ATOM   58  C  C   . ARG A 1 8  ? 13.297  -8.160  4.723   1.00 59.85 ? 9   ARG A C   1 
ATOM   59  O  O   . ARG A 1 8  ? 12.933  -7.610  3.685   1.00 58.67 ? 9   ARG A O   1 
ATOM   60  C  CB  . ARG A 1 8  ? 11.736  -8.569  6.615   1.00 57.78 ? 9   ARG A CB  1 
ATOM   61  C  CG  . ARG A 1 8  ? 11.549  -8.532  8.129   1.00 60.08 ? 9   ARG A CG  1 
ATOM   62  C  CD  . ARG A 1 8  ? 10.767  -9.732  8.664   1.00 66.01 ? 9   ARG A CD  1 
ATOM   63  N  NE  . ARG A 1 8  ? 11.339  -11.003 8.190   1.00 71.08 ? 9   ARG A NE  1 
ATOM   64  C  CZ  . ARG A 1 8  ? 10.651  -12.106 7.861   1.00 73.60 ? 9   ARG A CZ  1 
ATOM   65  N  NH1 . ARG A 1 8  ? 11.308  -13.180 7.440   1.00 73.09 ? 9   ARG A NH1 1 
ATOM   66  N  NH2 . ARG A 1 8  ? 9.325   -12.162 7.951   1.00 75.92 ? 9   ARG A NH2 1 
ATOM   67  N  N   . GLY A 1 9  ? 14.107  -9.219  4.751   1.00 63.33 ? 10  GLY A N   1 
ATOM   68  C  CA  . GLY A 1 9  ? 14.700  -9.781  3.552   1.00 65.73 ? 10  GLY A CA  1 
ATOM   69  C  C   . GLY A 1 9  ? 13.696  -10.299 2.542   1.00 68.43 ? 10  GLY A C   1 
ATOM   70  O  O   . GLY A 1 9  ? 12.816  -11.086 2.884   1.00 67.38 ? 10  GLY A O   1 
ATOM   71  N  N   . VAL A 1 10 ? 13.825  -9.836  1.300   1.00 72.73 ? 11  VAL A N   1 
ATOM   72  C  CA  . VAL A 1 10 ? 13.055  -10.367 0.172   1.00 76.73 ? 11  VAL A CA  1 
ATOM   73  C  C   . VAL A 1 10 ? 13.750  -11.623 -0.373  1.00 79.37 ? 11  VAL A C   1 
ATOM   74  O  O   . VAL A 1 10 ? 14.913  -11.586 -0.793  1.00 78.68 ? 11  VAL A O   1 
ATOM   75  C  CB  . VAL A 1 10 ? 12.853  -9.305  -0.954  1.00 77.44 ? 11  VAL A CB  1 
ATOM   76  C  CG1 . VAL A 1 10 ? 12.511  -9.963  -2.307  1.00 78.14 ? 11  VAL A CG1 1 
ATOM   77  C  CG2 . VAL A 1 10 ? 11.779  -8.305  -0.549  1.00 77.21 ? 11  VAL A CG2 1 
ATOM   78  N  N   . SER A 1 11 ? 13.005  -12.724 -0.350  1.00 82.65 ? 12  SER A N   1 
ATOM   79  C  CA  . SER A 1 11 ? 13.494  -14.036 -0.754  1.00 85.39 ? 12  SER A CA  1 
ATOM   80  C  C   . SER A 1 11 ? 13.968  -14.036 -2.207  1.00 86.73 ? 12  SER A C   1 
ATOM   81  O  O   . SER A 1 11 ? 15.101  -14.425 -2.502  1.00 86.95 ? 12  SER A O   1 
ATOM   82  C  CB  . SER A 1 11 ? 12.373  -15.061 -0.560  1.00 85.86 ? 12  SER A CB  1 
ATOM   83  O  OG  . SER A 1 11 ? 12.032  -15.187 0.812   1.00 87.33 ? 12  SER A OG  1 
ATOM   84  N  N   . GLY A 1 12 ? 13.093  -13.584 -3.101  1.00 88.54 ? 13  GLY A N   1 
ATOM   85  C  CA  . GLY A 1 12 ? 13.388  -13.520 -4.525  1.00 89.65 ? 13  GLY A CA  1 
ATOM   86  C  C   . GLY A 1 12 ? 12.685  -12.348 -5.185  1.00 90.39 ? 13  GLY A C   1 
ATOM   87  O  O   . GLY A 1 12 ? 13.337  -11.432 -5.689  1.00 90.82 ? 13  GLY A O   1 
ATOM   88  N  N   . ALA A 1 13 ? 11.352  -12.388 -5.158  1.00 90.79 ? 14  ALA A N   1 
ATOM   89  C  CA  . ALA A 1 13 ? 10.477  -11.358 -5.748  1.00 90.86 ? 14  ALA A CA  1 
ATOM   90  C  C   . ALA A 1 13 ? 9.050   -11.856 -5.985  1.00 90.47 ? 14  ALA A C   1 
ATOM   91  O  O   . ALA A 1 13 ? 8.141   -11.052 -6.194  1.00 90.74 ? 14  ALA A O   1 
ATOM   92  C  CB  . ALA A 1 13 ? 11.044  -10.818 -7.048  1.00 91.08 ? 14  ALA A CB  1 
ATOM   93  N  N   . GLN A 1 14 ? 8.858   -13.172 -5.976  1.00 89.49 ? 15  GLN A N   1 
ATOM   94  C  CA  . GLN A 1 14 ? 7.523   -13.748 -6.095  1.00 88.68 ? 15  GLN A CA  1 
ATOM   95  C  C   . GLN A 1 14 ? 6.833   -13.968 -4.752  1.00 86.16 ? 15  GLN A C   1 
ATOM   96  O  O   . GLN A 1 14 ? 5.886   -14.747 -4.654  1.00 86.26 ? 15  GLN A O   1 
ATOM   97  C  CB  . GLN A 1 14 ? 7.590   -15.069 -6.836  1.00 89.58 ? 15  GLN A CB  1 
ATOM   98  C  CG  . GLN A 1 14 ? 6.399   -15.307 -7.707  1.00 92.04 ? 15  GLN A CG  1 
ATOM   99  C  CD  . GLN A 1 14 ? 6.766   -16.133 -8.884  1.00 95.11 ? 15  GLN A CD  1 
ATOM   100 O  OE1 . GLN A 1 14 ? 7.089   -17.306 -8.732  1.00 97.57 ? 15  GLN A OE1 1 
ATOM   101 N  NE2 . GLN A 1 14 ? 6.762   -15.526 -10.069 1.00 98.05 ? 15  GLN A NE2 1 
ATOM   102 N  N   . MET A 1 15 ? 7.342   -13.317 -3.713  1.00 83.00 ? 16  MET A N   1 
ATOM   103 C  CA  . MET A 1 15 ? 6.583   -13.110 -2.494  1.00 80.24 ? 16  MET A CA  1 
ATOM   104 C  C   . MET A 1 15 ? 6.137   -11.648 -2.464  1.00 76.23 ? 16  MET A C   1 
ATOM   105 O  O   . MET A 1 15 ? 5.469   -11.231 -1.532  1.00 74.85 ? 16  MET A O   1 
ATOM   106 C  CB  . MET A 1 15 ? 7.441   -13.440 -1.267  1.00 81.05 ? 16  MET A CB  1 
ATOM   107 C  CG  . MET A 1 15 ? 7.490   -14.927 -0.923  1.00 83.73 ? 16  MET A CG  1 
ATOM   108 S  SD  . MET A 1 15 ? 7.404   -15.238 0.864   1.00 88.16 ? 16  MET A SD  1 
ATOM   109 C  CE  . MET A 1 15 ? 8.823   -14.311 1.441   1.00 87.21 ? 16  MET A CE  1 
ATOM   110 N  N   . CYS A 1 16 ? 6.476   -10.899 -3.517  1.00 71.74 ? 17  CYS A N   1 
ATOM   111 C  CA  . CYS A 1 16 ? 6.401   -9.440  -3.521  1.00 67.91 ? 17  CYS A CA  1 
ATOM   112 C  C   . CYS A 1 16 ? 5.605   -8.857  -4.676  1.00 64.31 ? 17  CYS A C   1 
ATOM   113 O  O   . CYS A 1 16 ? 5.602   -9.390  -5.788  1.00 64.70 ? 17  CYS A O   1 
ATOM   114 C  CB  . CYS A 1 16 ? 7.809   -8.860  -3.585  1.00 67.67 ? 17  CYS A CB  1 
ATOM   115 S  SG  . CYS A 1 16 ? 8.764   -9.211  -2.109  1.00 67.86 ? 17  CYS A SG  1 
ATOM   116 N  N   . LEU A 1 17 ? 4.938   -7.744  -4.389  1.00 59.23 ? 18  LEU A N   1 
ATOM   117 C  CA  . LEU A 1 17 ? 4.325   -6.898  -5.394  1.00 56.14 ? 18  LEU A CA  1 
ATOM   118 C  C   . LEU A 1 17 ? 5.303   -5.776  -5.668  1.00 53.54 ? 18  LEU A C   1 
ATOM   119 O  O   . LEU A 1 17 ? 5.978   -5.295  -4.757  1.00 51.17 ? 18  LEU A O   1 
ATOM   120 C  CB  . LEU A 1 17 ? 3.004   -6.307  -4.887  1.00 55.36 ? 18  LEU A CB  1 
ATOM   121 C  CG  . LEU A 1 17 ? 1.858   -7.289  -4.641  1.00 55.81 ? 18  LEU A CG  1 
ATOM   122 C  CD1 . LEU A 1 17 ? 2.097   -8.149  -3.403  1.00 55.00 ? 18  LEU A CD1 1 
ATOM   123 C  CD2 . LEU A 1 17 ? 0.531   -6.548  -4.531  1.00 55.54 ? 18  LEU A CD2 1 
ATOM   124 N  N   . GLN A 1 18 ? 5.395   -5.364  -6.926  1.00 52.69 ? 19  GLN A N   1 
ATOM   125 C  CA  . GLN A 1 18 ? 6.134   -4.157  -7.266  1.00 52.24 ? 19  GLN A CA  1 
ATOM   126 C  C   . GLN A 1 18 ? 5.217   -2.995  -6.934  1.00 51.03 ? 19  GLN A C   1 
ATOM   127 O  O   . GLN A 1 18 ? 4.077   -2.952  -7.384  1.00 49.00 ? 19  GLN A O   1 
ATOM   128 C  CB  . GLN A 1 18 ? 6.530   -4.133  -8.749  1.00 52.87 ? 19  GLN A CB  1 
ATOM   129 C  CG  . GLN A 1 18 ? 7.386   -5.306  -9.200  1.00 53.35 ? 19  GLN A CG  1 
ATOM   130 C  CD  . GLN A 1 18 ? 8.778   -5.281  -8.616  1.00 53.77 ? 19  GLN A CD  1 
ATOM   131 O  OE1 . GLN A 1 18 ? 9.528   -4.320  -8.806  1.00 52.38 ? 19  GLN A OE1 1 
ATOM   132 N  NE2 . GLN A 1 18 ? 9.139   -6.349  -7.918  1.00 56.34 ? 19  GLN A NE2 1 
ATOM   133 N  N   . ILE A 1 19 ? 5.693   -2.085  -6.091  1.00 51.07 ? 20  ILE A N   1 
ATOM   134 C  CA  . ILE A 1 19 ? 4.936   -0.878  -5.780  1.00 51.49 ? 20  ILE A CA  1 
ATOM   135 C  C   . ILE A 1 19 ? 4.859   -0.058  -7.058  1.00 54.37 ? 20  ILE A C   1 
ATOM   136 O  O   . ILE A 1 19 ? 3.799   0.414   -7.441  1.00 54.41 ? 20  ILE A O   1 
ATOM   137 C  CB  . ILE A 1 19 ? 5.589   -0.072  -4.617  1.00 51.23 ? 20  ILE A CB  1 
ATOM   138 C  CG1 . ILE A 1 19 ? 5.621   -0.918  -3.331  1.00 49.93 ? 20  ILE A CG1 1 
ATOM   139 C  CG2 . ILE A 1 19 ? 4.828   1.234   -4.373  1.00 47.20 ? 20  ILE A CG2 1 
ATOM   140 C  CD1 . ILE A 1 19 ? 6.511   -0.373  -2.228  1.00 49.46 ? 20  ILE A CD1 1 
ATOM   141 N  N   . PHE A 1 20 ? 6.004   0.069   -7.713  1.00 57.90 ? 21  PHE A N   1 
ATOM   142 C  CA  . PHE A 1 20 ? 6.137   0.734   -9.004  1.00 61.34 ? 21  PHE A CA  1 
ATOM   143 C  C   . PHE A 1 20 ? 6.733   -0.239  -10.032 1.00 65.60 ? 21  PHE A C   1 
ATOM   144 O  O   . PHE A 1 20 ? 7.455   -1.168  -9.672  1.00 66.15 ? 21  PHE A O   1 
ATOM   145 C  CB  . PHE A 1 20 ? 7.040   1.965   -8.851  1.00 59.88 ? 21  PHE A CB  1 
ATOM   146 C  CG  . PHE A 1 20 ? 6.470   3.027   -7.941  1.00 57.44 ? 21  PHE A CG  1 
ATOM   147 C  CD1 . PHE A 1 20 ? 6.927   3.164   -6.634  1.00 53.83 ? 21  PHE A CD1 1 
ATOM   148 C  CD2 . PHE A 1 20 ? 5.469   3.883   -8.392  1.00 54.93 ? 21  PHE A CD2 1 
ATOM   149 C  CE1 . PHE A 1 20 ? 6.403   4.147   -5.791  1.00 52.84 ? 21  PHE A CE1 1 
ATOM   150 C  CE2 . PHE A 1 20 ? 4.934   4.859   -7.556  1.00 53.82 ? 21  PHE A CE2 1 
ATOM   151 C  CZ  . PHE A 1 20 ? 5.402   4.992   -6.252  1.00 52.22 ? 21  PHE A CZ  1 
ATOM   152 N  N   . ASP A 1 21 ? 6.438   -0.028  -11.309 1.00 70.75 ? 22  ASP A N   1 
ATOM   153 C  CA  . ASP A 1 21 ? 7.001   -0.872  -12.367 1.00 74.59 ? 22  ASP A CA  1 
ATOM   154 C  C   . ASP A 1 21 ? 7.332   -0.034  -13.595 1.00 77.38 ? 22  ASP A C   1 
ATOM   155 O  O   . ASP A 1 21 ? 6.436   0.374   -14.330 1.00 77.23 ? 22  ASP A O   1 
ATOM   156 C  CB  . ASP A 1 21 ? 6.037   -2.020  -12.730 1.00 75.00 ? 22  ASP A CB  1 
ATOM   157 C  CG  . ASP A 1 21 ? 6.670   -3.062  -13.664 1.00 74.99 ? 22  ASP A CG  1 
ATOM   158 O  OD1 . ASP A 1 21 ? 7.406   -3.947  -13.169 1.00 74.01 ? 22  ASP A OD1 1 
ATOM   159 O  OD2 . ASP A 1 21 ? 6.474   -3.080  -14.901 1.00 72.50 ? 22  ASP A OD2 1 
ATOM   160 N  N   . VAL A 1 22 ? 8.625   0.257   -13.760 1.00 81.50 ? 23  VAL A N   1 
ATOM   161 C  CA  . VAL A 1 22 ? 9.208   0.754   -15.013 1.00 84.24 ? 23  VAL A CA  1 
ATOM   162 C  C   . VAL A 1 22 ? 8.362   1.796   -15.762 1.00 86.03 ? 23  VAL A C   1 
ATOM   163 O  O   . VAL A 1 22 ? 7.257   1.495   -16.218 1.00 86.39 ? 23  VAL A O   1 
ATOM   164 C  CB  . VAL A 1 22 ? 9.504   -0.429  -15.963 1.00 85.04 ? 23  VAL A CB  1 
ATOM   165 C  CG1 . VAL A 1 22 ? 10.269  0.045   -17.163 1.00 86.19 ? 23  VAL A CG1 1 
ATOM   166 C  CG2 . VAL A 1 22 ? 10.283  -1.526  -15.237 1.00 85.96 ? 23  VAL A CG2 1 
ATOM   167 N  N   . ASP A 1 23 ? 8.911   3.000   -15.939 1.00 88.17 ? 24  ASP A N   1 
ATOM   168 C  CA  . ASP A 1 23 ? 8.129   4.150   -16.404 1.00 89.51 ? 24  ASP A CA  1 
ATOM   169 C  C   . ASP A 1 23 ? 6.904   4.217   -15.502 1.00 89.65 ? 24  ASP A C   1 
ATOM   170 O  O   . ASP A 1 23 ? 5.767   3.981   -15.917 1.00 89.93 ? 24  ASP A O   1 
ATOM   171 C  CB  . ASP A 1 23 ? 7.762   4.039   -17.895 1.00 89.79 ? 24  ASP A CB  1 
ATOM   172 C  CG  . ASP A 1 23 ? 8.519   5.041   -18.762 1.00 90.98 ? 24  ASP A CG  1 
ATOM   173 O  OD1 . ASP A 1 23 ? 7.921   5.565   -19.729 1.00 92.25 ? 24  ASP A OD1 1 
ATOM   174 O  OD2 . ASP A 1 23 ? 9.710   5.367   -18.555 1.00 91.13 ? 24  ASP A OD2 1 
ATOM   175 N  N   . SER A 1 24 ? 7.175   4.532   -14.244 1.00 89.90 ? 25  SER A N   1 
ATOM   176 C  CA  . SER A 1 24 ? 6.219   4.350   -13.168 1.00 89.63 ? 25  SER A CA  1 
ATOM   177 C  C   . SER A 1 24 ? 5.295   5.565   -13.053 1.00 88.72 ? 25  SER A C   1 
ATOM   178 O  O   . SER A 1 24 ? 4.729   5.999   -14.057 1.00 88.90 ? 25  SER A O   1 
ATOM   179 C  CB  . SER A 1 24 ? 6.975   4.055   -11.869 1.00 90.03 ? 25  SER A CB  1 
ATOM   180 O  OG  . SER A 1 24 ? 7.890   2.986   -12.051 1.00 90.77 ? 25  SER A OG  1 
ATOM   181 N  N   . GLY A 1 25 ? 5.144   6.119   -11.849 1.00 87.66 ? 26  GLY A N   1 
ATOM   182 C  CA  . GLY A 1 25 ? 4.128   7.123   -11.593 1.00 86.17 ? 26  GLY A CA  1 
ATOM   183 C  C   . GLY A 1 25 ? 2.767   6.455   -11.630 1.00 84.40 ? 26  GLY A C   1 
ATOM   184 O  O   . GLY A 1 25 ? 2.467   5.701   -12.558 1.00 84.01 ? 26  GLY A O   1 
ATOM   185 N  N   . GLU A 1 26 ? 1.939   6.724   -10.624 1.00 82.05 ? 27  GLU A N   1 
ATOM   186 C  CA  . GLU A 1 26 ? 0.624   6.099   -10.514 1.00 80.39 ? 27  GLU A CA  1 
ATOM   187 C  C   . GLU A 1 26 ? 0.793   4.593   -10.293 1.00 77.04 ? 27  GLU A C   1 
ATOM   188 O  O   . GLU A 1 26 ? 1.332   3.888   -11.148 1.00 77.16 ? 27  GLU A O   1 
ATOM   189 C  CB  . GLU A 1 26 ? -0.235  6.371   -11.763 1.00 80.87 ? 27  GLU A CB  1 
ATOM   190 C  CG  . GLU A 1 26 ? -0.187  7.806   -12.278 1.00 82.54 ? 27  GLU A CG  1 
ATOM   191 C  CD  . GLU A 1 26 ? -0.903  7.974   -13.603 1.00 85.05 ? 27  GLU A CD  1 
ATOM   192 O  OE1 . GLU A 1 26 ? -2.134  7.764   -13.642 1.00 86.97 ? 27  GLU A OE1 1 
ATOM   193 O  OE2 . GLU A 1 26 ? -0.237  8.314   -14.607 1.00 85.38 ? 27  GLU A OE2 1 
ATOM   194 N  N   . SER A 1 27 ? 0.342   4.103   -9.144  1.00 72.50 ? 28  SER A N   1 
ATOM   195 C  CA  . SER A 1 27 ? 0.581   2.707   -8.782  1.00 69.06 ? 28  SER A CA  1 
ATOM   196 C  C   . SER A 1 27 ? -0.637  1.947   -8.247  1.00 65.71 ? 28  SER A C   1 
ATOM   197 O  O   . SER A 1 27 ? -0.724  0.727   -8.439  1.00 67.71 ? 28  SER A O   1 
ATOM   198 C  CB  . SER A 1 27 ? 1.722   2.635   -7.764  1.00 68.90 ? 28  SER A CB  1 
ATOM   199 O  OG  . SER A 1 27 ? 1.772   1.362   -7.142  1.00 67.75 ? 28  SER A OG  1 
ATOM   200 N  N   . LYS A 1 28 ? -1.565  2.648   -7.602  1.00 59.43 ? 29  LYS A N   1 
ATOM   201 C  CA  . LYS A 1 28 ? -2.650  2.034   -6.816  1.00 55.74 ? 29  LYS A CA  1 
ATOM   202 C  C   . LYS A 1 28 ? -2.115  1.483   -5.509  1.00 50.02 ? 29  LYS A C   1 
ATOM   203 O  O   . LYS A 1 28 ? -2.648  1.796   -4.461  1.00 48.69 ? 29  LYS A O   1 
ATOM   204 C  CB  . LYS A 1 28 ? -3.427  0.949   -7.575  1.00 56.61 ? 29  LYS A CB  1 
ATOM   205 C  CG  . LYS A 1 28 ? -3.996  1.414   -8.914  1.00 60.80 ? 29  LYS A CG  1 
ATOM   206 C  CD  . LYS A 1 28 ? -5.256  0.623   -9.299  1.00 62.69 ? 29  LYS A CD  1 
ATOM   207 C  CE  . LYS A 1 28 ? -6.082  1.344   -10.359 1.00 63.22 ? 29  LYS A CE  1 
ATOM   208 N  NZ  . LYS A 1 28 ? -5.222  1.932   -11.431 1.00 61.81 ? 29  LYS A NZ  1 
ATOM   209 N  N   . VAL A 1 29 ? -1.065  0.659   -5.565  1.00 45.10 ? 30  VAL A N   1 
ATOM   210 C  CA  . VAL A 1 29 ? -0.408  0.184   -4.353  1.00 40.76 ? 30  VAL A CA  1 
ATOM   211 C  C   . VAL A 1 29 ? 0.138   1.392   -3.606  1.00 39.23 ? 30  VAL A C   1 
ATOM   212 O  O   . VAL A 1 29 ? -0.113  1.534   -2.415  1.00 34.91 ? 30  VAL A O   1 
ATOM   213 C  CB  . VAL A 1 29 ? 0.724   -0.822  -4.633  1.00 39.38 ? 30  VAL A CB  1 
ATOM   214 C  CG1 . VAL A 1 29 ? 1.533   -1.095  -3.371  1.00 38.09 ? 30  VAL A CG1 1 
ATOM   215 C  CG2 . VAL A 1 29 ? 0.153   -2.126  -5.159  1.00 38.45 ? 30  VAL A CG2 1 
ATOM   216 N  N   . ALA A 1 30 ? 0.838   2.284   -4.306  1.00 37.89 ? 31  ALA A N   1 
ATOM   217 C  CA  . ALA A 1 30 ? 1.398   3.474   -3.659  1.00 36.58 ? 31  ALA A CA  1 
ATOM   218 C  C   . ALA A 1 30 ? 0.311   4.342   -3.033  1.00 35.61 ? 31  ALA A C   1 
ATOM   219 O  O   . ALA A 1 30 ? 0.480   4.863   -1.938  1.00 36.22 ? 31  ALA A O   1 
ATOM   220 C  CB  . ALA A 1 30 ? 2.221   4.290   -4.637  1.00 38.90 ? 31  ALA A CB  1 
ATOM   221 N  N   . GLU A 1 31 ? -0.796  4.486   -3.749  1.00 34.56 ? 32  GLU A N   1 
ATOM   222 C  CA  . GLU A 1 31 ? -1.933  5.299   -3.351  1.00 34.27 ? 32  GLU A CA  1 
ATOM   223 C  C   . GLU A 1 31 ? -2.539  4.786   -2.045  1.00 32.64 ? 32  GLU A C   1 
ATOM   224 O  O   . GLU A 1 31 ? -2.884  5.559   -1.158  1.00 30.26 ? 32  GLU A O   1 
ATOM   225 C  CB  . GLU A 1 31 ? -2.967  5.243   -4.475  1.00 36.13 ? 32  GLU A CB  1 
ATOM   226 C  CG  . GLU A 1 31 ? -4.119  6.227   -4.386  1.00 45.30 ? 32  GLU A CG  1 
ATOM   227 C  CD  . GLU A 1 31 ? -4.989  6.209   -5.639  1.00 54.51 ? 32  GLU A CD  1 
ATOM   228 O  OE1 . GLU A 1 31 ? -4.434  6.091   -6.758  1.00 56.34 ? 32  GLU A OE1 1 
ATOM   229 O  OE2 . GLU A 1 31 ? -6.236  6.300   -5.502  1.00 60.06 ? 32  GLU A OE2 1 
ATOM   230 N  N   . VAL A 1 32 ? -2.639  3.467   -1.916  1.00 31.17 ? 33  VAL A N   1 
ATOM   231 C  CA  . VAL A 1 32 ? -3.214  2.852   -0.720  1.00 30.24 ? 33  VAL A CA  1 
ATOM   232 C  C   . VAL A 1 32 ? -2.267  3.002   0.455   1.00 31.55 ? 33  VAL A C   1 
ATOM   233 O  O   . VAL A 1 32 ? -2.683  3.352   1.547   1.00 31.64 ? 33  VAL A O   1 
ATOM   234 C  CB  . VAL A 1 32 ? -3.523  1.373   -0.964  1.00 29.99 ? 33  VAL A CB  1 
ATOM   235 C  CG1 . VAL A 1 32 ? -3.886  0.673   0.313   1.00 29.90 ? 33  VAL A CG1 1 
ATOM   236 C  CG2 . VAL A 1 32 ? -4.667  1.249   -1.954  1.00 29.92 ? 33  VAL A CG2 1 
ATOM   237 N  N   . LEU A 1 33 ? -0.992  2.746   0.227   1.00 31.46 ? 34  LEU A N   1 
ATOM   238 C  CA  . LEU A 1 33 ? 0.021   2.920   1.263   1.00 32.67 ? 34  LEU A CA  1 
ATOM   239 C  C   . LEU A 1 33 ? 0.095   4.368   1.755   1.00 33.32 ? 34  LEU A C   1 
ATOM   240 O  O   . LEU A 1 33 ? 0.275   4.609   2.940   1.00 33.57 ? 34  LEU A O   1 
ATOM   241 C  CB  . LEU A 1 33 ? 1.396   2.527   0.731   1.00 33.11 ? 34  LEU A CB  1 
ATOM   242 C  CG  . LEU A 1 33 ? 1.596   1.063   0.383   1.00 32.39 ? 34  LEU A CG  1 
ATOM   243 C  CD1 . LEU A 1 33 ? 2.970   0.885   -0.257  1.00 37.14 ? 34  LEU A CD1 1 
ATOM   244 C  CD2 . LEU A 1 33 ? 1.467   0.238   1.598   1.00 36.20 ? 34  LEU A CD2 1 
ATOM   245 N  N   . ARG A 1 34 ? -0.072  5.323   0.857   1.00 31.78 ? 35  ARG A N   1 
ATOM   246 C  CA  . ARG A 1 34 ? -0.023  6.736   1.230   1.00 34.58 ? 35  ARG A CA  1 
ATOM   247 C  C   . ARG A 1 34 ? -1.185  7.128   2.143   1.00 33.68 ? 35  ARG A C   1 
ATOM   248 O  O   . ARG A 1 34 ? -1.038  8.006   2.984   1.00 35.08 ? 35  ARG A O   1 
ATOM   249 C  CB  . ARG A 1 34 ? -0.047  7.615   -0.003  1.00 35.54 ? 35  ARG A CB  1 
ATOM   250 C  CG  . ARG A 1 34 ? 1.297   7.771   -0.662  1.00 42.87 ? 35  ARG A CG  1 
ATOM   251 C  CD  . ARG A 1 34 ? 1.377   8.960   -1.572  1.00 46.05 ? 35  ARG A CD  1 
ATOM   252 N  NE  . ARG A 1 34 ? 0.752   8.677   -2.857  1.00 52.68 ? 35  ARG A NE  1 
ATOM   253 C  CZ  . ARG A 1 34 ? 1.399   8.220   -3.932  1.00 54.66 ? 35  ARG A CZ  1 
ATOM   254 N  NH1 . ARG A 1 34 ? 0.722   7.985   -5.048  1.00 56.50 ? 35  ARG A NH1 1 
ATOM   255 N  NH2 . ARG A 1 34 ? 2.717   8.024   -3.920  1.00 57.59 ? 35  ARG A NH2 1 
ATOM   256 N  N   . GLN A 1 35 ? -2.326  6.469   1.947   1.00 33.18 ? 36  GLN A N   1 
ATOM   257 C  CA  . GLN A 1 35 ? -3.528  6.686   2.746   1.00 33.98 ? 36  GLN A CA  1 
ATOM   258 C  C   . GLN A 1 35 ? -3.403  6.254   4.190   1.00 33.01 ? 36  GLN A C   1 
ATOM   259 O  O   . GLN A 1 35 ? -4.094  6.799   5.023   1.00 32.32 ? 36  GLN A O   1 
ATOM   260 C  CB  . GLN A 1 35 ? -4.720  5.940   2.145   1.00 34.34 ? 36  GLN A CB  1 
ATOM   261 C  CG  . GLN A 1 35 ? -5.230  6.541   0.870   1.00 39.56 ? 36  GLN A CG  1 
ATOM   262 C  CD  . GLN A 1 35 ? -6.521  5.903   0.392   1.00 41.72 ? 36  GLN A CD  1 
ATOM   263 O  OE1 . GLN A 1 35 ? -7.549  5.978   1.069   1.00 40.43 ? 36  GLN A OE1 1 
ATOM   264 N  NE2 . GLN A 1 35 ? -6.470  5.283   -0.783  1.00 43.50 ? 36  GLN A NE2 1 
ATOM   265 N  N   . HIS A 1 36 ? -2.565  5.252   4.478   1.00 32.52 ? 37  HIS A N   1 
ATOM   266 C  CA  . HIS A 1 36 ? -2.477  4.672   5.813   1.00 33.06 ? 37  HIS A CA  1 
ATOM   267 C  C   . HIS A 1 36 ? -1.160  4.823   6.542   1.00 35.50 ? 37  HIS A C   1 
ATOM   268 O  O   . HIS A 1 36 ? -1.084  4.448   7.691   1.00 34.62 ? 37  HIS A O   1 
ATOM   269 C  CB  . HIS A 1 36 ? -2.827  3.192   5.738   1.00 34.20 ? 37  HIS A CB  1 
ATOM   270 C  CG  . HIS A 1 36 ? -4.150  2.951   5.097   1.00 24.88 ? 37  HIS A CG  1 
ATOM   271 N  ND1 . HIS A 1 36 ? -5.324  3.383   5.658   1.00 25.41 ? 37  HIS A ND1 1 
ATOM   272 C  CD2 . HIS A 1 36 ? -4.479  2.391   3.917   1.00 26.03 ? 37  HIS A CD2 1 
ATOM   273 C  CE1 . HIS A 1 36 ? -6.329  3.072   4.862   1.00 26.25 ? 37  HIS A CE1 1 
ATOM   274 N  NE2 . HIS A 1 36 ? -5.842  2.461   3.799   1.00 22.09 ? 37  HIS A NE2 1 
ATOM   275 N  N   . PHE A 1 37 ? -0.129  5.352   5.893   1.00 34.41 ? 38  PHE A N   1 
ATOM   276 C  CA  . PHE A 1 37 ? 1.168   5.552   6.553   1.00 37.50 ? 38  PHE A CA  1 
ATOM   277 C  C   . PHE A 1 37 ? 1.631   7.023   6.460   1.00 39.75 ? 38  PHE A C   1 
ATOM   278 O  O   . PHE A 1 37 ? 1.088   7.797   5.679   1.00 41.92 ? 38  PHE A O   1 
ATOM   279 C  CB  . PHE A 1 37 ? 2.215   4.572   6.000   1.00 37.88 ? 38  PHE A CB  1 
ATOM   280 C  CG  . PHE A 1 37 ? 1.877   3.141   6.293   1.00 33.62 ? 38  PHE A CG  1 
ATOM   281 C  CD1 . PHE A 1 37 ? 1.124   2.410   5.407   1.00 31.08 ? 38  PHE A CD1 1 
ATOM   282 C  CD2 . PHE A 1 37 ? 2.253   2.562   7.495   1.00 33.78 ? 38  PHE A CD2 1 
ATOM   283 C  CE1 . PHE A 1 37 ? 0.764   1.116   5.696   1.00 33.15 ? 38  PHE A CE1 1 
ATOM   284 C  CE2 . PHE A 1 37 ? 1.906   1.267   7.789   1.00 29.70 ? 38  PHE A CE2 1 
ATOM   285 C  CZ  . PHE A 1 37 ? 1.155   0.542   6.883   1.00 33.10 ? 38  PHE A CZ  1 
ATOM   286 N  N   . TRP A 1 38 ? 2.620   7.375   7.281   1.00 43.79 ? 39  TRP A N   1 
ATOM   287 C  CA  . TRP A 1 38 ? 3.035   8.775   7.542   1.00 47.59 ? 39  TRP A CA  1 
ATOM   288 C  C   . TRP A 1 38 ? 4.199   9.202   6.650   1.00 49.87 ? 39  TRP A C   1 
ATOM   289 O  O   . TRP A 1 38 ? 4.434   10.392  6.455   1.00 50.49 ? 39  TRP A O   1 
ATOM   290 C  CB  . TRP A 1 38 ? 3.424   8.964   9.029   1.00 47.78 ? 39  TRP A CB  1 
ATOM   291 C  CG  . TRP A 1 38 ? 4.551   8.076   9.412   1.00 52.09 ? 39  TRP A CG  1 
ATOM   292 C  CD1 . TRP A 1 38 ? 5.877   8.405   9.491   1.00 53.75 ? 39  TRP A CD1 1 
ATOM   293 C  CD2 . TRP A 1 38 ? 4.470   6.671   9.685   1.00 55.50 ? 39  TRP A CD2 1 
ATOM   294 N  NE1 . TRP A 1 38 ? 6.619   7.291   9.809   1.00 57.17 ? 39  TRP A NE1 1 
ATOM   295 C  CE2 . TRP A 1 38 ? 5.780   6.216   9.937   1.00 56.79 ? 39  TRP A CE2 1 
ATOM   296 C  CE3 . TRP A 1 38 ? 3.413   5.741   9.736   1.00 56.33 ? 39  TRP A CE3 1 
ATOM   297 C  CZ2 . TRP A 1 38 ? 6.066   4.883   10.231  1.00 57.00 ? 39  TRP A CZ2 1 
ATOM   298 C  CZ3 . TRP A 1 38 ? 3.697   4.420   10.037  1.00 57.38 ? 39  TRP A CZ3 1 
ATOM   299 C  CH2 . TRP A 1 38 ? 5.011   4.004   10.282  1.00 58.15 ? 39  TRP A CH2 1 
ATOM   300 N  N   . PHE A 1 39 ? 4.933   8.230   6.126   1.00 52.96 ? 40  PHE A N   1 
ATOM   301 C  CA  . PHE A 1 39 ? 6.011   8.494   5.177   1.00 56.31 ? 40  PHE A CA  1 
ATOM   302 C  C   . PHE A 1 39 ? 5.489   8.450   3.738   1.00 59.42 ? 40  PHE A C   1 
ATOM   303 O  O   . PHE A 1 39 ? 4.344   8.078   3.489   1.00 58.67 ? 40  PHE A O   1 
ATOM   304 C  CB  . PHE A 1 39 ? 7.190   7.512   5.368   1.00 56.17 ? 40  PHE A CB  1 
ATOM   305 C  CG  . PHE A 1 39 ? 6.793   6.061   5.419   1.00 55.22 ? 40  PHE A CG  1 
ATOM   306 C  CD1 . PHE A 1 39 ? 6.572   5.341   4.256   1.00 55.38 ? 40  PHE A CD1 1 
ATOM   307 C  CD2 . PHE A 1 39 ? 6.664   5.412   6.633   1.00 54.62 ? 40  PHE A CD2 1 
ATOM   308 C  CE1 . PHE A 1 39 ? 6.208   3.996   4.309   1.00 57.09 ? 40  PHE A CE1 1 
ATOM   309 C  CE2 . PHE A 1 39 ? 6.299   4.082   6.690   1.00 54.74 ? 40  PHE A CE2 1 
ATOM   310 C  CZ  . PHE A 1 39 ? 6.073   3.370   5.521   1.00 52.76 ? 40  PHE A CZ  1 
ATOM   311 N  N   . GLU A 1 40 ? 6.343   8.853   2.801   1.00 64.01 ? 41  GLU A N   1 
ATOM   312 C  CA  . GLU A 1 40 ? 5.979   8.928   1.390   1.00 67.03 ? 41  GLU A CA  1 
ATOM   313 C  C   . GLU A 1 40 ? 6.488   7.712   0.614   1.00 67.98 ? 41  GLU A C   1 
ATOM   314 O  O   . GLU A 1 40 ? 7.511   7.113   0.957   1.00 67.60 ? 41  GLU A O   1 
ATOM   315 C  CB  . GLU A 1 40 ? 6.513   10.237  0.781   1.00 68.29 ? 41  GLU A CB  1 
ATOM   316 C  CG  . GLU A 1 40 ? 6.285   10.430  -0.720  1.00 72.51 ? 41  GLU A CG  1 
ATOM   317 C  CD  . GLU A 1 40 ? 4.830   10.277  -1.152  1.00 76.50 ? 41  GLU A CD  1 
ATOM   318 O  OE1 . GLU A 1 40 ? 4.577   10.230  -2.377  1.00 78.93 ? 41  GLU A OE1 1 
ATOM   319 O  OE2 . GLU A 1 40 ? 3.937   10.201  -0.280  1.00 77.62 ? 41  GLU A OE2 1 
ATOM   320 N  N   . VAL A 1 41 ? 5.750   7.346   -0.427  1.00 69.60 ? 42  VAL A N   1 
ATOM   321 C  CA  . VAL A 1 41 ? 6.131   6.253   -1.301  1.00 71.46 ? 42  VAL A CA  1 
ATOM   322 C  C   . VAL A 1 41 ? 6.351   6.823   -2.706  1.00 72.72 ? 42  VAL A C   1 
ATOM   323 O  O   . VAL A 1 41 ? 5.406   7.282   -3.352  1.00 72.25 ? 42  VAL A O   1 
ATOM   324 C  CB  . VAL A 1 41 ? 5.055   5.140   -1.317  1.00 72.11 ? 42  VAL A CB  1 
ATOM   325 C  CG1 . VAL A 1 41 ? 5.713   3.777   -1.489  1.00 72.52 ? 42  VAL A CG1 1 
ATOM   326 C  CG2 . VAL A 1 41 ? 4.204   5.167   -0.040  1.00 71.39 ? 42  VAL A CG2 1 
ATOM   327 N  N   . LEU A 1 42 ? 7.599   6.812   -3.167  1.00 74.60 ? 43  LEU A N   1 
ATOM   328 C  CA  . LEU A 1 42 ? 7.956   7.468   -4.432  1.00 75.99 ? 43  LEU A CA  1 
ATOM   329 C  C   . LEU A 1 42 ? 8.809   6.579   -5.344  1.00 76.63 ? 43  LEU A C   1 
ATOM   330 O  O   . LEU A 1 42 ? 9.553   5.721   -4.867  1.00 75.72 ? 43  LEU A O   1 
ATOM   331 C  CB  . LEU A 1 42 ? 8.661   8.812   -4.174  1.00 76.30 ? 43  LEU A CB  1 
ATOM   332 C  CG  . LEU A 1 42 ? 9.261   9.105   -2.792  1.00 77.70 ? 43  LEU A CG  1 
ATOM   333 C  CD1 . LEU A 1 42 ? 10.498  8.259   -2.542  1.00 79.41 ? 43  LEU A CD1 1 
ATOM   334 C  CD2 . LEU A 1 42 ? 9.599   10.581  -2.644  1.00 77.50 ? 43  LEU A CD2 1 
ATOM   335 N  N   . PRO A 1 43 ? 8.695   6.793   -6.657  1.00 78.58 ? 44  PRO A N   1 
ATOM   336 C  CA  . PRO A 1 43 ? 9.425   5.997   -7.653  1.00 79.91 ? 44  PRO A CA  1 
ATOM   337 C  C   . PRO A 1 43 ? 10.890  5.714   -7.296  1.00 81.21 ? 44  PRO A C   1 
ATOM   338 O  O   . PRO A 1 43 ? 11.316  4.561   -7.407  1.00 81.86 ? 44  PRO A O   1 
ATOM   339 C  CB  . PRO A 1 43 ? 9.341   6.862   -8.917  1.00 80.11 ? 44  PRO A CB  1 
ATOM   340 C  CG  . PRO A 1 43 ? 8.073   7.630   -8.774  1.00 79.60 ? 44  PRO A CG  1 
ATOM   341 C  CD  . PRO A 1 43 ? 7.842   7.813   -7.297  1.00 78.80 ? 44  PRO A CD  1 
ATOM   342 N  N   . ASN A 1 44 ? 11.629  6.744   -6.879  1.00 82.01 ? 45  ASN A N   1 
ATOM   343 C  CA  . ASN A 1 44 ? 13.054  6.604   -6.537  1.00 82.69 ? 45  ASN A CA  1 
ATOM   344 C  C   . ASN A 1 44 ? 13.300  5.696   -5.319  1.00 82.85 ? 45  ASN A C   1 
ATOM   345 O  O   . ASN A 1 44 ? 13.429  4.480   -5.481  1.00 83.75 ? 45  ASN A O   1 
ATOM   346 C  CB  . ASN A 1 44 ? 13.762  7.975   -6.387  1.00 82.98 ? 45  ASN A CB  1 
ATOM   347 C  CG  . ASN A 1 44 ? 12.944  9.009   -5.602  1.00 84.22 ? 45  ASN A CG  1 
ATOM   348 O  OD1 . ASN A 1 44 ? 13.192  9.245   -4.419  1.00 85.82 ? 45  ASN A OD1 1 
ATOM   349 N  ND2 . ASN A 1 44 ? 11.994  9.650   -6.274  1.00 85.65 ? 45  ASN A ND2 1 
ATOM   350 N  N   . ASP A 1 45 ? 13.344  6.275   -4.118  1.00 82.38 ? 46  ASP A N   1 
ATOM   351 C  CA  . ASP A 1 45 ? 13.595  5.544   -2.876  1.00 81.57 ? 46  ASP A CA  1 
ATOM   352 C  C   . ASP A 1 45 ? 14.937  4.799   -2.861  1.00 80.57 ? 46  ASP A C   1 
ATOM   353 O  O   . ASP A 1 45 ? 15.121  3.800   -3.559  1.00 80.96 ? 46  ASP A O   1 
ATOM   354 C  CB  . ASP A 1 45 ? 12.441  4.567   -2.562  1.00 81.95 ? 46  ASP A CB  1 
ATOM   355 C  CG  . ASP A 1 45 ? 11.541  5.055   -1.437  1.00 81.75 ? 46  ASP A CG  1 
ATOM   356 O  OD1 . ASP A 1 45 ? 12.052  5.651   -0.463  1.00 79.94 ? 46  ASP A OD1 1 
ATOM   357 O  OD2 . ASP A 1 45 ? 10.303  4.885   -1.446  1.00 81.57 ? 46  ASP A OD2 1 
ATOM   358 N  N   . GLU A 1 46 ? 15.864  5.292   -2.046  1.00 78.83 ? 47  GLU A N   1 
ATOM   359 C  CA  . GLU A 1 46 ? 17.061  4.540   -1.669  1.00 77.54 ? 47  GLU A CA  1 
ATOM   360 C  C   . GLU A 1 46 ? 16.668  3.190   -1.026  1.00 74.85 ? 47  GLU A C   1 
ATOM   361 O  O   . GLU A 1 46 ? 17.443  2.229   -1.052  1.00 74.39 ? 47  GLU A O   1 
ATOM   362 C  CB  . GLU A 1 46 ? 17.915  5.399   -0.711  1.00 78.40 ? 47  GLU A CB  1 
ATOM   363 C  CG  . GLU A 1 46 ? 19.120  4.725   -0.039  1.00 80.80 ? 47  GLU A CG  1 
ATOM   364 C  CD  . GLU A 1 46 ? 19.018  4.629   1.488   1.00 82.13 ? 47  GLU A CD  1 
ATOM   365 O  OE1 . GLU A 1 46 ? 19.940  4.051   2.105   1.00 83.06 ? 47  GLU A OE1 1 
ATOM   366 O  OE2 . GLU A 1 46 ? 18.035  5.123   2.086   1.00 80.83 ? 47  GLU A OE2 1 
ATOM   367 N  N   . ILE A 1 47 ? 15.443  3.122   -0.501  1.00 71.77 ? 48  ILE A N   1 
ATOM   368 C  CA  . ILE A 1 47 ? 14.987  2.006   0.322   1.00 69.02 ? 48  ILE A CA  1 
ATOM   369 C  C   . ILE A 1 47 ? 14.627  0.791   -0.524  1.00 66.61 ? 48  ILE A C   1 
ATOM   370 O  O   . ILE A 1 47 ? 15.309  -0.234  -0.497  1.00 65.29 ? 48  ILE A O   1 
ATOM   371 C  CB  . ILE A 1 47 ? 13.734  2.405   1.175   1.00 69.24 ? 48  ILE A CB  1 
ATOM   372 C  CG1 . ILE A 1 47 ? 13.781  3.862   1.660   1.00 69.06 ? 48  ILE A CG1 1 
ATOM   373 C  CG2 . ILE A 1 47 ? 13.560  1.442   2.337   1.00 70.19 ? 48  ILE A CG2 1 
ATOM   374 C  CD1 . ILE A 1 47 ? 14.939  4.202   2.511   1.00 69.28 ? 48  ILE A CD1 1 
ATOM   375 N  N   . SER A 1 48 ? 13.537  0.926   -1.270  1.00 63.61 ? 49  SER A N   1 
ATOM   376 C  CA  . SER A 1 48 ? 12.892  -0.196  -1.939  1.00 61.20 ? 49  SER A CA  1 
ATOM   377 C  C   . SER A 1 48 ? 11.614  0.270   -2.620  1.00 58.78 ? 49  SER A C   1 
ATOM   378 O  O   . SER A 1 48 ? 11.014  1.278   -2.241  1.00 59.16 ? 49  SER A O   1 
ATOM   379 C  CB  . SER A 1 48 ? 12.553  -1.310  -0.944  1.00 61.78 ? 49  SER A CB  1 
ATOM   380 O  OG  . SER A 1 48 ? 11.894  -2.389  -1.578  1.00 59.95 ? 49  SER A OG  1 
ATOM   381 N  N   . LYS A 1 49 ? 11.210  -0.475  -3.636  1.00 56.45 ? 50  LYS A N   1 
ATOM   382 C  CA  . LYS A 1 49 ? 9.994   -0.186  -4.385  1.00 54.69 ? 50  LYS A CA  1 
ATOM   383 C  C   . LYS A 1 49 ? 9.186   -1.485  -4.529  1.00 51.75 ? 50  LYS A C   1 
ATOM   384 O  O   . LYS A 1 49 ? 8.432   -1.670  -5.472  1.00 49.88 ? 50  LYS A O   1 
ATOM   385 C  CB  . LYS A 1 49 ? 10.353  0.454   -5.732  1.00 56.11 ? 50  LYS A CB  1 
ATOM   386 C  CG  . LYS A 1 49 ? 11.440  -0.276  -6.519  1.00 58.46 ? 50  LYS A CG  1 
ATOM   387 C  CD  . LYS A 1 49 ? 11.822  0.456   -7.796  1.00 61.80 ? 50  LYS A CD  1 
ATOM   388 C  CE  . LYS A 1 49 ? 12.999  -0.227  -8.485  1.00 62.90 ? 50  LYS A CE  1 
ATOM   389 N  NZ  . LYS A 1 49 ? 13.274  0.302   -9.856  1.00 64.95 ? 50  LYS A NZ  1 
ATOM   390 N  N   . VAL A 1 50 ? 9.356   -2.363  -3.544  1.00 48.31 ? 51  VAL A N   1 
ATOM   391 C  CA  . VAL A 1 50 ? 8.693   -3.659  -3.475  1.00 45.46 ? 51  VAL A CA  1 
ATOM   392 C  C   . VAL A 1 50 ? 8.052   -3.793  -2.082  1.00 40.72 ? 51  VAL A C   1 
ATOM   393 O  O   . VAL A 1 50 ? 8.555   -3.230  -1.116  1.00 39.17 ? 51  VAL A O   1 
ATOM   394 C  CB  . VAL A 1 50 ? 9.733   -4.776  -3.749  1.00 45.91 ? 51  VAL A CB  1 
ATOM   395 C  CG1 . VAL A 1 50 ? 10.116  -5.552  -2.486  1.00 46.83 ? 51  VAL A CG1 1 
ATOM   396 C  CG2 . VAL A 1 50 ? 9.263   -5.708  -4.850  1.00 49.53 ? 51  VAL A CG2 1 
ATOM   397 N  N   . ILE A 1 51 ? 6.950   -4.519  -1.989  1.00 37.74 ? 52  ILE A N   1 
ATOM   398 C  CA  . ILE A 1 51 ? 6.305   -4.823  -0.715  1.00 35.24 ? 52  ILE A CA  1 
ATOM   399 C  C   . ILE A 1 51 ? 5.981   -6.332  -0.657  1.00 37.13 ? 52  ILE A C   1 
ATOM   400 O  O   . ILE A 1 51 ? 5.397   -6.896  -1.584  1.00 35.15 ? 52  ILE A O   1 
ATOM   401 C  CB  . ILE A 1 51 ? 5.029   -3.926  -0.516  1.00 36.66 ? 52  ILE A CB  1 
ATOM   402 C  CG1 . ILE A 1 51 ? 4.393   -4.168  0.863   1.00 36.29 ? 52  ILE A CG1 1 
ATOM   403 C  CG2 . ILE A 1 51 ? 4.000   -4.132  -1.637  1.00 36.92 ? 52  ILE A CG2 1 
ATOM   404 C  CD1 . ILE A 1 51 ? 3.227   -3.256  1.191   1.00 35.48 ? 52  ILE A CD1 1 
ATOM   405 N  N   . CYS A 1 52 ? 6.369   -6.985  0.428   1.00 35.70 ? 53  CYS A N   1 
ATOM   406 C  CA  . CYS A 1 52 ? 6.118   -8.393  0.562   1.00 37.30 ? 53  CYS A CA  1 
ATOM   407 C  C   . CYS A 1 52 ? 4.619   -8.637  0.680   1.00 37.01 ? 53  CYS A C   1 
ATOM   408 O  O   . CYS A 1 52 ? 3.862   -7.769  1.096   1.00 33.87 ? 53  CYS A O   1 
ATOM   409 C  CB  . CYS A 1 52 ? 6.905   -8.980  1.735   1.00 37.29 ? 53  CYS A CB  1 
ATOM   410 S  SG  . CYS A 1 52 ? 6.223   -8.640  3.345   1.00 37.09 ? 53  CYS A SG  1 
ATOM   411 N  N   . ASN A 1 53 ? 4.190   -9.819  0.285   1.00 36.02 ? 54  ASN A N   1 
ATOM   412 C  CA  . ASN A 1 53 ? 2.774   -10.167 0.306   1.00 37.66 ? 54  ASN A CA  1 
ATOM   413 C  C   . ASN A 1 53 ? 2.233   -10.134 1.738   1.00 34.59 ? 54  ASN A C   1 
ATOM   414 O  O   . ASN A 1 53 ? 1.050   -9.872  1.936   1.00 33.54 ? 54  ASN A O   1 
ATOM   415 C  CB  . ASN A 1 53 ? 2.552   -11.550 -0.350  1.00 39.17 ? 54  ASN A CB  1 
ATOM   416 C  CG  . ASN A 1 53 ? 1.076   -11.996 -0.344  1.00 48.07 ? 54  ASN A CG  1 
ATOM   417 O  OD1 . ASN A 1 53 ? 0.615   -12.691 0.579   1.00 54.87 ? 54  ASN A OD1 1 
ATOM   418 N  ND2 . ASN A 1 53 ? 0.341   -11.624 -1.395  1.00 56.22 ? 54  ASN A ND2 1 
ATOM   419 N  N   . VAL A 1 54 ? 3.094   -10.405 2.725   1.00 32.04 ? 55  VAL A N   1 
ATOM   420 C  CA  . VAL A 1 54 ? 2.690   -10.399 4.132   1.00 32.93 ? 55  VAL A CA  1 
ATOM   421 C  C   . VAL A 1 54 ? 2.242   -9.001  4.574   1.00 30.48 ? 55  VAL A C   1 
ATOM   422 O  O   . VAL A 1 54 ? 1.240   -8.841  5.282   1.00 30.85 ? 55  VAL A O   1 
ATOM   423 C  CB  . VAL A 1 54 ? 3.834   -10.902 5.062   1.00 33.55 ? 55  VAL A CB  1 
ATOM   424 C  CG1 . VAL A 1 54 ? 3.512   -10.629 6.531   1.00 34.83 ? 55  VAL A CG1 1 
ATOM   425 C  CG2 . VAL A 1 54 ? 4.095   -12.395 4.848   1.00 37.11 ? 55  VAL A CG2 1 
ATOM   426 N  N   . CYS A 1 55 ? 2.981   -7.990  4.155   1.00 30.56 ? 56  CYS A N   1 
ATOM   427 C  CA  . CYS A 1 55 ? 2.627   -6.621  4.487   1.00 30.20 ? 56  CYS A CA  1 
ATOM   428 C  C   . CYS A 1 55 ? 1.450   -6.204  3.634   1.00 29.45 ? 56  CYS A C   1 
ATOM   429 O  O   . CYS A 1 55 ? 0.536   -5.566  4.143   1.00 27.34 ? 56  CYS A O   1 
ATOM   430 C  CB  . CYS A 1 55 ? 3.800   -5.648  4.285   1.00 32.07 ? 56  CYS A CB  1 
ATOM   431 S  SG  . CYS A 1 55 ? 5.139   -5.783  5.522   1.00 31.19 ? 56  CYS A SG  1 
ATOM   432 N  N   . TRP A 1 56 ? 1.455   -6.571  2.349   1.00 28.32 ? 57  TRP A N   1 
ATOM   433 C  CA  . TRP A 1 56 ? 0.393   -6.129  1.459   1.00 28.77 ? 57  TRP A CA  1 
ATOM   434 C  C   . TRP A 1 56 ? -0.945  -6.731  1.866   1.00 28.36 ? 57  TRP A C   1 
ATOM   435 O  O   . TRP A 1 56 ? -1.979  -6.051  1.770   1.00 26.54 ? 57  TRP A O   1 
ATOM   436 C  CB  . TRP A 1 56 ? 0.708   -6.390  -0.026  1.00 29.49 ? 57  TRP A CB  1 
ATOM   437 C  CG  . TRP A 1 56 ? -0.447  -6.007  -0.948  1.00 29.82 ? 57  TRP A CG  1 
ATOM   438 C  CD1 . TRP A 1 56 ? -1.196  -6.862  -1.707  1.00 29.95 ? 57  TRP A CD1 1 
ATOM   439 C  CD2 . TRP A 1 56 ? -0.993  -4.690  -1.180  1.00 29.02 ? 57  TRP A CD2 1 
ATOM   440 N  NE1 . TRP A 1 56 ? -2.165  -6.162  -2.381  1.00 26.98 ? 57  TRP A NE1 1 
ATOM   441 C  CE2 . TRP A 1 56 ? -2.060  -4.831  -2.081  1.00 25.01 ? 57  TRP A CE2 1 
ATOM   442 C  CE3 . TRP A 1 56 ? -0.689  -3.405  -0.709  1.00 29.10 ? 57  TRP A CE3 1 
ATOM   443 C  CZ2 . TRP A 1 56 ? -2.830  -3.751  -2.512  1.00 26.70 ? 57  TRP A CZ2 1 
ATOM   444 C  CZ3 . TRP A 1 56 ? -1.449  -2.325  -1.157  1.00 28.08 ? 57  TRP A CZ3 1 
ATOM   445 C  CH2 . TRP A 1 56 ? -2.513  -2.513  -2.037  1.00 27.48 ? 57  TRP A CH2 1 
ATOM   446 N  N   . THR A 1 57 ? -0.946  -7.979  2.339   1.00 29.72 ? 58  THR A N   1 
ATOM   447 C  CA  . THR A 1 57 ? -2.207  -8.592  2.760   1.00 30.72 ? 58  THR A CA  1 
ATOM   448 C  C   . THR A 1 57 ? -2.812  -7.811  3.944   1.00 31.67 ? 58  THR A C   1 
ATOM   449 O  O   . THR A 1 57 ? -4.022  -7.562  3.967   1.00 26.68 ? 58  THR A O   1 
ATOM   450 C  CB  . THR A 1 57 ? -2.111  -10.156 3.022   1.00 35.87 ? 58  THR A CB  1 
ATOM   451 O  OG1 . THR A 1 57 ? -3.383  -10.621 3.493   1.00 38.43 ? 58  THR A OG1 1 
ATOM   452 C  CG2 . THR A 1 57 ? -1.158  -10.534 4.174   1.00 38.11 ? 58  THR A CG2 1 
ATOM   453 N  N   . GLN A 1 58 ? -1.958  -7.381  4.878   1.00 28.82 ? 59  GLN A N   1 
ATOM   454 C  CA  . GLN A 1 58 ? -2.392  -6.643  6.058   1.00 28.69 ? 59  GLN A CA  1 
ATOM   455 C  C   . GLN A 1 58 ? -2.887  -5.257  5.658   1.00 25.88 ? 59  GLN A C   1 
ATOM   456 O  O   . GLN A 1 58 ? -3.893  -4.781  6.149   1.00 26.24 ? 59  GLN A O   1 
ATOM   457 C  CB  . GLN A 1 58 ? -1.236  -6.514  7.054   1.00 27.98 ? 59  GLN A CB  1 
ATOM   458 C  CG  . GLN A 1 58 ? -0.671  -7.831  7.570   1.00 38.30 ? 59  GLN A CG  1 
ATOM   459 C  CD  . GLN A 1 58 ? -0.722  -7.958  9.074   1.00 44.73 ? 59  GLN A CD  1 
ATOM   460 O  OE1 . GLN A 1 58 ? -1.793  -7.897  9.675   1.00 55.93 ? 59  GLN A OE1 1 
ATOM   461 N  NE2 . GLN A 1 58 ? 0.436   -8.155  9.686   1.00 54.06 ? 59  GLN A NE2 1 
ATOM   462 N  N   . VAL A 1 59 ? -2.190  -4.604  4.741   1.00 25.91 ? 60  VAL A N   1 
ATOM   463 C  CA  . VAL A 1 59 ? -2.590  -3.246  4.340   1.00 26.71 ? 60  VAL A CA  1 
ATOM   464 C  C   . VAL A 1 59 ? -3.875  -3.269  3.520   1.00 25.89 ? 60  VAL A C   1 
ATOM   465 O  O   . VAL A 1 59 ? -4.772  -2.452  3.722   1.00 24.66 ? 60  VAL A O   1 
ATOM   466 C  CB  . VAL A 1 59 ? -1.460  -2.559  3.522   1.00 25.67 ? 60  VAL A CB  1 
ATOM   467 C  CG1 . VAL A 1 59 ? -1.938  -1.265  2.967   1.00 29.26 ? 60  VAL A CG1 1 
ATOM   468 C  CG2 . VAL A 1 59 ? -0.247  -2.330  4.408   1.00 27.94 ? 60  VAL A CG2 1 
ATOM   469 N  N   . SER A 1 60 ? -3.947  -4.185  2.563   1.00 25.08 ? 61  SER A N   1 
ATOM   470 C  CA  . SER A 1 60 ? -5.095  -4.272  1.664   1.00 24.86 ? 61  SER A CA  1 
ATOM   471 C  C   . SER A 1 60 ? -6.353  -4.746  2.383   1.00 27.08 ? 61  SER A C   1 
ATOM   472 O  O   . SER A 1 60 ? -7.444  -4.259  2.081   1.00 24.37 ? 61  SER A O   1 
ATOM   473 C  CB  . SER A 1 60 ? -4.790  -5.172  0.460   1.00 25.44 ? 61  SER A CB  1 
ATOM   474 O  OG  . SER A 1 60 ? -4.554  -6.506  0.854   1.00 21.37 ? 61  SER A OG  1 
ATOM   475 N  N   . GLU A 1 61 ? -6.217  -5.717  3.297   1.00 27.62 ? 62  GLU A N   1 
ATOM   476 C  CA  . GLU A 1 61 ? -7.331  -6.098  4.174   1.00 27.21 ? 62  GLU A CA  1 
ATOM   477 C  C   . GLU A 1 61 ? -7.807  -4.911  5.003   1.00 26.16 ? 62  GLU A C   1 
ATOM   478 O  O   . GLU A 1 61 ? -9.008  -4.661  5.087   1.00 25.07 ? 62  GLU A O   1 
ATOM   479 C  CB  . GLU A 1 61 ? -6.962  -7.259  5.084   1.00 28.94 ? 62  GLU A CB  1 
ATOM   480 C  CG  . GLU A 1 61 ? -6.944  -8.572  4.326   1.00 31.90 ? 62  GLU A CG  1 
ATOM   481 C  CD  . GLU A 1 61 ? -6.661  -9.776  5.204   1.00 38.79 ? 62  GLU A CD  1 
ATOM   482 O  OE1 . GLU A 1 61 ? -6.632  -10.890 4.643   1.00 35.88 ? 62  GLU A OE1 1 
ATOM   483 O  OE2 . GLU A 1 61 ? -6.468  -9.608  6.434   1.00 41.82 ? 62  GLU A OE2 1 
ATOM   484 N  N   . PHE A 1 62 ? -6.893  -4.154  5.592   1.00 26.92 ? 63  PHE A N   1 
ATOM   485 C  CA  . PHE A 1 62 ? -7.340  -2.986  6.365   1.00 25.43 ? 63  PHE A CA  1 
ATOM   486 C  C   . PHE A 1 62 ? -7.999  -1.948  5.494   1.00 27.74 ? 63  PHE A C   1 
ATOM   487 O  O   . PHE A 1 62 ? -8.999  -1.341  5.886   1.00 28.35 ? 63  PHE A O   1 
ATOM   488 C  CB  . PHE A 1 62 ? -6.243  -2.330  7.176   1.00 25.39 ? 63  PHE A CB  1 
ATOM   489 C  CG  . PHE A 1 62 ? -6.727  -1.120  7.911   1.00 26.29 ? 63  PHE A CG  1 
ATOM   490 C  CD1 . PHE A 1 62 ? -7.635  -1.253  8.971   1.00 24.68 ? 63  PHE A CD1 1 
ATOM   491 C  CD2 . PHE A 1 62 ? -6.359  0.147   7.513   1.00 26.92 ? 63  PHE A CD2 1 
ATOM   492 C  CE1 . PHE A 1 62 ? -8.130  -0.141  9.630   1.00 27.13 ? 63  PHE A CE1 1 
ATOM   493 C  CE2 . PHE A 1 62 ? -6.839  1.251   8.186   1.00 27.33 ? 63  PHE A CE2 1 
ATOM   494 C  CZ  . PHE A 1 62 ? -7.731  1.107   9.240   1.00 28.48 ? 63  PHE A CZ  1 
ATOM   495 N  N   . HIS A 1 63 ? -7.446  -1.722  4.305   1.00 29.18 ? 64  HIS A N   1 
ATOM   496 C  CA  . HIS A 1 63 ? -7.981  -0.714  3.395   1.00 28.44 ? 64  HIS A CA  1 
ATOM   497 C  C   . HIS A 1 63 ? -9.393  -1.040  2.932   1.00 31.21 ? 64  HIS A C   1 
ATOM   498 O  O   . HIS A 1 63 ? -10.245 -0.164  2.865   1.00 33.81 ? 64  HIS A O   1 
ATOM   499 C  CB  . HIS A 1 63 ? -7.091  -0.538  2.182   1.00 29.27 ? 64  HIS A CB  1 
ATOM   500 C  CG  . HIS A 1 63 ? -7.549  0.562   1.288   1.00 30.82 ? 64  HIS A CG  1 
ATOM   501 N  ND1 . HIS A 1 63 ? -7.121  1.860   1.437   1.00 32.31 ? 64  HIS A ND1 1 
ATOM   502 C  CD2 . HIS A 1 63 ? -8.456  0.575   0.287   1.00 32.80 ? 64  HIS A CD2 1 
ATOM   503 C  CE1 . HIS A 1 63 ? -7.705  2.617   0.528   1.00 36.19 ? 64  HIS A CE1 1 
ATOM   504 N  NE2 . HIS A 1 63 ? -8.522  1.863   -0.184  1.00 32.97 ? 64  HIS A NE2 1 
ATOM   505 N  N   . GLN A 1 64 ? -9.639  -2.308  2.630   1.00 29.00 ? 65  GLN A N   1 
ATOM   506 C  CA  . GLN A 1 64 ? -10.963 -2.777  2.274   1.00 29.56 ? 65  GLN A CA  1 
ATOM   507 C  C   . GLN A 1 64 ? -11.946 -2.483  3.412   1.00 30.23 ? 65  GLN A C   1 
ATOM   508 O  O   . GLN A 1 64 ? -13.078 -2.045  3.182   1.00 29.41 ? 65  GLN A O   1 
ATOM   509 C  CB  . GLN A 1 64 ? -10.908 -4.273  2.004   1.00 31.04 ? 65  GLN A CB  1 
ATOM   510 C  CG  . GLN A 1 64 ? -11.952 -4.762  1.079   1.00 35.67 ? 65  GLN A CG  1 
ATOM   511 C  CD  . GLN A 1 64 ? -11.862 -6.251  0.889   1.00 40.39 ? 65  GLN A CD  1 
ATOM   512 O  OE1 . GLN A 1 64 ? -11.686 -6.992  1.857   1.00 42.90 ? 65  GLN A OE1 1 
ATOM   513 N  NE2 . GLN A 1 64 ? -11.958 -6.697  -0.356  1.00 45.31 ? 65  GLN A NE2 1 
ATOM   514 N  N   . PHE A 1 65 ? -11.509 -2.735  4.641   1.00 29.42 ? 66  PHE A N   1 
ATOM   515 C  CA  . PHE A 1 65 ? -12.309 -2.397  5.807   1.00 29.13 ? 66  PHE A CA  1 
ATOM   516 C  C   . PHE A 1 65 ? -12.538 -0.882  5.892   1.00 26.89 ? 66  PHE A C   1 
ATOM   517 O  O   . PHE A 1 65 ? -13.660 -0.433  6.047   1.00 30.73 ? 66  PHE A O   1 
ATOM   518 C  CB  . PHE A 1 65 ? -11.635 -2.904  7.085   1.00 28.55 ? 66  PHE A CB  1 
ATOM   519 C  CG  . PHE A 1 65 ? -12.340 -2.487  8.341   1.00 24.10 ? 66  PHE A CG  1 
ATOM   520 C  CD1 . PHE A 1 65 ? -13.577 -3.008  8.655   1.00 30.55 ? 66  PHE A CD1 1 
ATOM   521 C  CD2 . PHE A 1 65 ? -11.766 -1.568  9.203   1.00 26.41 ? 66  PHE A CD2 1 
ATOM   522 C  CE1 . PHE A 1 65 ? -14.224 -2.625  9.820   1.00 30.72 ? 66  PHE A CE1 1 
ATOM   523 C  CE2 . PHE A 1 65 ? -12.406 -1.190  10.346  1.00 26.90 ? 66  PHE A CE2 1 
ATOM   524 C  CZ  . PHE A 1 65 ? -13.635 -1.709  10.654  1.00 21.57 ? 66  PHE A CZ  1 
ATOM   525 N  N   . TYR A 1 66 ? -11.467 -0.125  5.780   1.00 28.32 ? 67  TYR A N   1 
ATOM   526 C  CA  . TYR A 1 66 ? -11.477 1.344   5.846   1.00 28.45 ? 67  TYR A CA  1 
ATOM   527 C  C   . TYR A 1 66 ? -12.469 1.947   4.858   1.00 32.00 ? 67  TYR A C   1 
ATOM   528 O  O   . TYR A 1 66 ? -13.184 2.903   5.193   1.00 33.13 ? 67  TYR A O   1 
ATOM   529 C  CB  . TYR A 1 66 ? -10.056 1.823   5.571   1.00 28.67 ? 67  TYR A CB  1 
ATOM   530 C  CG  . TYR A 1 66 ? -9.729  3.319   5.642   1.00 30.80 ? 67  TYR A CG  1 
ATOM   531 C  CD1 . TYR A 1 66 ? -9.206  3.869   6.810   1.00 32.40 ? 67  TYR A CD1 1 
ATOM   532 C  CD2 . TYR A 1 66 ? -9.801  4.129   4.516   1.00 35.11 ? 67  TYR A CD2 1 
ATOM   533 C  CE1 . TYR A 1 66 ? -8.851  5.206   6.900   1.00 35.98 ? 67  TYR A CE1 1 
ATOM   534 C  CE2 . TYR A 1 66 ? -9.444  5.496   4.587   1.00 37.43 ? 67  TYR A CE2 1 
ATOM   535 C  CZ  . TYR A 1 66 ? -8.954  6.021   5.782   1.00 41.70 ? 67  TYR A CZ  1 
ATOM   536 O  OH  . TYR A 1 66 ? -8.554  7.344   5.896   1.00 42.68 ? 67  TYR A OH  1 
ATOM   537 N  N   . VAL A 1 67 ? -12.528 1.370   3.653   1.00 35.21 ? 68  VAL A N   1 
ATOM   538 C  CA  . VAL A 1 67 ? -13.412 1.828   2.578   1.00 34.67 ? 68  VAL A CA  1 
ATOM   539 C  C   . VAL A 1 67 ? -14.860 1.554   2.943   1.00 34.19 ? 68  VAL A C   1 
ATOM   540 O  O   . VAL A 1 67 ? -15.738 2.394   2.698   1.00 34.51 ? 68  VAL A O   1 
ATOM   541 C  CB  . VAL A 1 67 ? -13.017 1.195   1.195   1.00 36.68 ? 68  VAL A CB  1 
ATOM   542 C  CG1 . VAL A 1 67 ? -14.115 1.390   0.151   1.00 38.44 ? 68  VAL A CG1 1 
ATOM   543 C  CG2 . VAL A 1 67 ? -11.698 1.783   0.709   1.00 36.52 ? 68  VAL A CG2 1 
ATOM   544 N  N   . SER A 1 68 ? -15.116 0.416   3.584   1.00 32.54 ? 69  SER A N   1 
ATOM   545 C  CA  . SER A 1 68 ? -16.457 0.102   4.039   1.00 31.04 ? 69  SER A CA  1 
ATOM   546 C  C   . SER A 1 68 ? -16.908 1.069   5.126   1.00 29.19 ? 69  SER A C   1 
ATOM   547 O  O   . SER A 1 68 ? -18.069 1.490   5.143   1.00 28.11 ? 69  SER A O   1 
ATOM   548 C  CB  . SER A 1 68 ? -16.577 -1.369  4.494   1.00 32.13 ? 69  SER A CB  1 
ATOM   549 O  OG  . SER A 1 68 ? -16.224 -1.546  5.864   1.00 34.21 ? 69  SER A OG  1 
ATOM   550 N  N   . ILE A 1 69 ? -15.988 1.450   6.005   1.00 29.43 ? 70  ILE A N   1 
ATOM   551 C  CA  . ILE A 1 69 ? -16.294 2.407   7.065   1.00 27.93 ? 70  ILE A CA  1 
ATOM   552 C  C   . ILE A 1 69 ? -16.577 3.790   6.482   1.00 27.85 ? 70  ILE A C   1 
ATOM   553 O  O   . ILE A 1 69 ? -17.527 4.454   6.904   1.00 27.78 ? 70  ILE A O   1 
ATOM   554 C  CB  . ILE A 1 69 ? -15.148 2.469   8.115   1.00 26.22 ? 70  ILE A CB  1 
ATOM   555 C  CG1 . ILE A 1 69 ? -14.988 1.097   8.801   1.00 24.66 ? 70  ILE A CG1 1 
ATOM   556 C  CG2 . ILE A 1 69 ? -15.415 3.545   9.154   1.00 25.20 ? 70  ILE A CG2 1 
ATOM   557 C  CD1 . ILE A 1 69 ? -16.264 0.548   9.384   1.00 25.71 ? 70  ILE A CD1 1 
ATOM   558 N  N   . GLN A 1 70 ? -15.780 4.233   5.515   1.00 28.62 ? 71  GLN A N   1 
ATOM   559 C  CA  . GLN A 1 70 ? -16.017 5.540   4.910   1.00 29.96 ? 71  GLN A CA  1 
ATOM   560 C  C   . GLN A 1 70 ? -17.409 5.588   4.320   1.00 31.45 ? 71  GLN A C   1 
ATOM   561 O  O   . GLN A 1 70 ? -18.133 6.563   4.507   1.00 31.53 ? 71  GLN A O   1 
ATOM   562 C  CB  . GLN A 1 70 ? -15.017 5.889   3.811   1.00 31.44 ? 71  GLN A CB  1 
ATOM   563 C  CG  . GLN A 1 70 ? -15.523 7.114   3.014   1.00 36.64 ? 71  GLN A CG  1 
ATOM   564 C  CD  . GLN A 1 70 ? -14.558 7.656   1.992   1.00 43.75 ? 71  GLN A CD  1 
ATOM   565 O  OE1 . GLN A 1 70 ? -13.369 7.768   2.259   1.00 44.24 ? 71  GLN A OE1 1 
ATOM   566 N  NE2 . GLN A 1 70 ? -15.082 8.040   0.820   1.00 44.25 ? 71  GLN A NE2 1 
ATOM   567 N  N   . GLU A 1 71 ? -17.790 4.528   3.607   1.00 33.36 ? 72  GLU A N   1 
ATOM   568 C  CA  . GLU A 1 71 ? -19.103 4.480   2.992   1.00 35.02 ? 72  GLU A CA  1 
ATOM   569 C  C   . GLU A 1 71 ? -20.233 4.592   4.017   1.00 32.88 ? 72  GLU A C   1 
ATOM   570 O  O   . GLU A 1 71 ? -21.178 5.339   3.808   1.00 34.81 ? 72  GLU A O   1 
ATOM   571 C  CB  . GLU A 1 71 ? -19.270 3.223   2.141   1.00 36.73 ? 72  GLU A CB  1 
ATOM   572 C  CG  . GLU A 1 71 ? -20.128 3.494   0.913   1.00 47.50 ? 72  GLU A CG  1 
ATOM   573 C  CD  . GLU A 1 71 ? -20.705 2.228   0.318   1.00 54.31 ? 72  GLU A CD  1 
ATOM   574 O  OE1 . GLU A 1 71 ? -19.914 1.448   -0.265  1.00 60.10 ? 72  GLU A OE1 1 
ATOM   575 O  OE2 . GLU A 1 71 ? -21.937 2.020   0.453   1.00 55.68 ? 72  GLU A OE2 1 
ATOM   576 N  N   . ALA A 1 72 ? -20.126 3.876   5.133   1.00 32.54 ? 73  ALA A N   1 
ATOM   577 C  CA  . ALA A 1 72 ? -21.147 3.936   6.179   1.00 30.37 ? 73  ALA A CA  1 
ATOM   578 C  C   . ALA A 1 72 ? -21.240 5.327   6.794   1.00 29.96 ? 73  ALA A C   1 
ATOM   579 O  O   . ALA A 1 72 ? -22.333 5.839   7.066   1.00 30.04 ? 73  ALA A O   1 
ATOM   580 C  CB  . ALA A 1 72 ? -20.859 2.906   7.257   1.00 32.23 ? 73  ALA A CB  1 
ATOM   581 N  N   . GLN A 1 73 ? -20.086 5.952   6.996   1.00 28.00 ? 74  GLN A N   1 
ATOM   582 C  CA  . GLN A 1 73 ? -20.037 7.282   7.579   1.00 27.28 ? 74  GLN A CA  1 
ATOM   583 C  C   . GLN A 1 73 ? -20.601 8.330   6.617   1.00 25.81 ? 74  GLN A C   1 
ATOM   584 O  O   . GLN A 1 73 ? -21.246 9.284   7.036   1.00 26.25 ? 74  GLN A O   1 
ATOM   585 C  CB  . GLN A 1 73 ? -18.600 7.632   7.948   1.00 26.25 ? 74  GLN A CB  1 
ATOM   586 C  CG  . GLN A 1 73 ? -17.969 6.700   8.959   1.00 25.33 ? 74  GLN A CG  1 
ATOM   587 C  CD  . GLN A 1 73 ? -18.577 6.798   10.353  1.00 27.94 ? 74  GLN A CD  1 
ATOM   588 O  OE1 . GLN A 1 73 ? -19.062 7.852   10.741  1.00 30.36 ? 74  GLN A OE1 1 
ATOM   589 N  NE2 . GLN A 1 73 ? -18.544 5.694   11.101  1.00 29.65 ? 74  GLN A NE2 1 
ATOM   590 N  N   . VAL A 1 74 ? -20.322 8.160   5.328   1.00 29.55 ? 75  VAL A N   1 
ATOM   591 C  CA  . VAL A 1 74 ? -20.818 9.082   4.310   1.00 29.58 ? 75  VAL A CA  1 
ATOM   592 C  C   . VAL A 1 74 ? -22.344 9.022   4.263   1.00 31.40 ? 75  VAL A C   1 
ATOM   593 O  O   . VAL A 1 74 ? -23.020 10.058  4.289   1.00 31.99 ? 75  VAL A O   1 
ATOM   594 C  CB  . VAL A 1 74 ? -20.170 8.767   2.934   1.00 29.35 ? 75  VAL A CB  1 
ATOM   595 C  CG1 . VAL A 1 74 ? -20.951 9.366   1.792   1.00 30.85 ? 75  VAL A CG1 1 
ATOM   596 C  CG2 . VAL A 1 74 ? -18.722 9.287   2.892   1.00 27.74 ? 75  VAL A CG2 1 
ATOM   597 N  N   . ILE A 1 75 ? -22.885 7.812   4.212   1.00 33.18 ? 76  ILE A N   1 
ATOM   598 C  CA  . ILE A 1 75 ? -24.331 7.620   4.178   1.00 34.24 ? 76  ILE A CA  1 
ATOM   599 C  C   . ILE A 1 75 ? -24.976 8.205   5.422   1.00 35.07 ? 76  ILE A C   1 
ATOM   600 O  O   . ILE A 1 75 ? -25.968 8.920   5.325   1.00 33.49 ? 76  ILE A O   1 
ATOM   601 C  CB  . ILE A 1 75 ? -24.706 6.134   4.015   1.00 34.84 ? 76  ILE A CB  1 
ATOM   602 C  CG1 . ILE A 1 75 ? -24.332 5.643   2.611   1.00 33.43 ? 76  ILE A CG1 1 
ATOM   603 C  CG2 . ILE A 1 75 ? -26.219 5.921   4.271   1.00 36.16 ? 76  ILE A CG2 1 
ATOM   604 C  CD1 . ILE A 1 75 ? -24.455 4.142   2.416   1.00 35.21 ? 76  ILE A CD1 1 
ATOM   605 N  N   . TYR A 1 76 ? -24.446 8.003   6.565   1.00 35.31 ? 77  TYR A N   1 
ATOM   606 C  CA  . TYR A 1 76 ? -25.009 8.500   7.816   1.00 36.86 ? 77  TYR A CA  1 
ATOM   607 C  C   . TYR A 1 76 ? -25.025 10.028  7.857   1.00 36.62 ? 77  TYR A C   1 
ATOM   608 O  O   . TYR A 1 76 ? -25.893 10.620  8.497   1.00 36.68 ? 77  TYR A O   1 
ATOM   609 C  CB  . TYR A 1 76 ? -24.219 7.946   9.009   1.00 37.48 ? 77  TYR A CB  1 
ATOM   610 C  CG  . TYR A 1 76 ? -24.790 8.303   10.367  1.00 38.43 ? 77  TYR A CG  1 
ATOM   611 C  CD1 . TYR A 1 76 ? -25.780 7.519   10.956  1.00 36.57 ? 77  TYR A CD1 1 
ATOM   612 C  CD2 . TYR A 1 76 ? -24.335 9.421   11.065  1.00 39.76 ? 77  TYR A CD2 1 
ATOM   613 C  CE1 . TYR A 1 76 ? -26.303 7.837   12.207  1.00 40.56 ? 77  TYR A CE1 1 
ATOM   614 C  CE2 . TYR A 1 76 ? -24.854 9.750   12.316  1.00 41.59 ? 77  TYR A CE2 1 
ATOM   615 C  CZ  . TYR A 1 76 ? -25.836 8.954   12.882  1.00 43.20 ? 77  TYR A CZ  1 
ATOM   616 O  OH  . TYR A 1 76 ? -26.174 9.136   14.205  1.00 46.81 ? 77  TYR A OH  1 
ATOM   617 N  N   . ALA A 1 77 ? -23.899 10.617  7.466   1.00 36.79 ? 78  ALA A N   1 
ATOM   618 C  CA  . ALA A 1 77 ? -23.743 12.067  7.457   1.00 37.14 ? 78  ALA A CA  1 
ATOM   619 C  C   . ALA A 1 77 ? -24.592 12.780  6.405   1.00 38.16 ? 78  ALA A C   1 
ATOM   620 O  O   . ALA A 1 77 ? -24.830 13.985  6.509   1.00 39.75 ? 78  ALA A O   1 
ATOM   621 C  CB  . ALA A 1 77 ? -22.276 12.433  7.282   1.00 36.37 ? 78  ALA A CB  1 
ATOM   622 N  N   . THR A 1 78 ? -25.028 12.044  5.386   1.00 40.05 ? 79  THR A N   1 
ATOM   623 C  CA  . THR A 1 78 ? -25.837 12.627  4.318   1.00 41.57 ? 79  THR A CA  1 
ATOM   624 C  C   . THR A 1 78 ? -27.322 12.262  4.373   1.00 45.70 ? 79  THR A C   1 
ATOM   625 O  O   . THR A 1 78 ? -28.125 12.841  3.637   1.00 46.79 ? 79  THR A O   1 
ATOM   626 C  CB  . THR A 1 78 ? -25.269 12.273  2.920   1.00 40.83 ? 79  THR A CB  1 
ATOM   627 O  OG1 . THR A 1 78 ? -24.888 10.892  2.878   1.00 36.18 ? 79  THR A OG1 1 
ATOM   628 C  CG2 . THR A 1 78 ? -24.051 13.131  2.614   1.00 38.62 ? 79  THR A CG2 1 
ATOM   629 N  N   . THR A 1 79 ? -27.709 11.545  5.425   1.00 50.79 ? 80  THR A N   1 
ATOM   630 C  CA  . THR A 1 79 ? -29.097 11.126  5.607   1.00 55.30 ? 80  THR A CA  1 
ATOM   631 C  C   . THR A 1 79 ? -29.745 11.849  6.791   1.00 58.07 ? 80  THR A C   1 
ATOM   632 O  O   . THR A 1 79 ? -29.061 12.248  7.736   1.00 57.95 ? 80  THR A O   1 
ATOM   633 C  CB  . THR A 1 79 ? -29.198 9.589   5.796   1.00 56.08 ? 80  THR A CB  1 
ATOM   634 O  OG1 . THR A 1 79 ? -28.751 8.926   4.606   1.00 58.45 ? 80  THR A OG1 1 
ATOM   635 C  CG2 . THR A 1 79 ? -30.634 9.167   6.084   1.00 58.58 ? 80  THR A CG2 1 
ATOM   636 N  N   . SER A 1 80 ? -31.034 12.160  6.659   1.00 60.75 ? 81  SER A N   1 
ATOM   637 C  CA  . SER A 1 80 ? -31.774 12.843  7.717   1.00 62.77 ? 81  SER A CA  1 
ATOM   638 C  C   . SER A 1 80 ? -31.765 12.064  9.029   1.00 63.63 ? 81  SER A C   1 
ATOM   639 O  O   . SER A 1 80 ? -32.040 10.861  9.059   1.00 65.12 ? 81  SER A O   1 
ATOM   640 C  CB  . SER A 1 80 ? -33.213 13.131  7.283   1.00 63.10 ? 81  SER A CB  1 
ATOM   641 O  OG  . SER A 1 80 ? -33.273 14.223  6.380   1.00 63.03 ? 81  SER A OG  1 
ATOM   642 O  OXT . SER A 1 80 ? -31.524 12.647  10.082  1.00 63.85 ? 81  SER A OXT 1 
HETATM 643 ZN ZN  . ZN  B 2 .  ? 6.917   -6.549  4.398   1.00 37.16 ? 100 ZN  A ZN  1 
HETATM 644 O  O   . HOH C 3 .  ? -1.886  -10.588 -0.285  1.00 90.61 ? 101 HOH A O   1 
HETATM 645 O  O   . HOH C 3 .  ? 5.897   -5.494  -11.747 1.00 76.69 ? 102 HOH A O   1 
HETATM 646 O  O   . HOH C 3 .  ? -3.840  -7.973  -3.909  1.00 56.05 ? 103 HOH A O   1 
HETATM 647 O  O   . HOH C 3 .  ? -4.765  -5.498  8.644   1.00 50.96 ? 104 HOH A O   1 
HETATM 648 O  O   . HOH C 3 .  ? -3.500  8.064   -1.641  1.00 63.30 ? 105 HOH A O   1 
HETATM 649 O  O   . HOH C 3 .  ? 6.072   -18.047 -6.020  1.00 68.03 ? 106 HOH A O   1 
HETATM 650 O  O   . HOH C 3 .  ? -1.671  8.961   -3.704  1.00 71.25 ? 107 HOH A O   1 
HETATM 651 O  O   . HOH C 3 .  ? 0.127   -11.017 6.889   1.00 63.48 ? 108 HOH A O   1 
HETATM 652 O  O   . HOH C 3 .  ? -28.130 10.572  10.026  1.00 77.40 ? 109 HOH A O   1 
HETATM 653 O  O   . HOH C 3 .  ? 9.269   7.448   9.152   1.00 74.34 ? 110 HOH A O   1 
HETATM 654 O  O   . HOH C 3 .  ? -7.764  8.137   2.870   1.00 73.01 ? 111 HOH A O   1 
HETATM 655 O  O   . HOH C 3 .  ? 13.264  -2.379  -4.873  1.00 71.32 ? 112 HOH A O   1 
HETATM 656 O  O   . HOH C 3 .  ? 10.883  0.837   -11.022 1.00 89.40 ? 113 HOH A O   1 
HETATM 657 O  O   . HOH C 3 .  ? 13.466  -9.387  -7.951  1.00 81.98 ? 114 HOH A O   1 
HETATM 658 O  O   . HOH C 3 .  ? 8.644   -0.742  -7.729  1.00 84.49 ? 115 HOH A O   1 
HETATM 659 O  O   . HOH C 3 .  ? -17.035 3.365   0.005   1.00 98.46 ? 116 HOH A O   1 
HETATM 660 O  O   . HOH C 3 .  ? -11.711 7.320   3.671   1.00 74.33 ? 117 HOH A O   1 
HETATM 661 O  O   . HOH C 3 .  ? 11.055  -15.489 -3.541  1.00 84.93 ? 118 HOH A O   1 
HETATM 662 O  O   . HOH C 3 .  ? -31.070 15.377  10.823  1.00 84.72 ? 119 HOH A O   1 
HETATM 663 O  O   . HOH C 3 .  ? 17.113  8.372   -0.377  1.00 96.22 ? 120 HOH A O   1 
HETATM 664 O  O   . HOH C 3 .  ? 3.813   0.195   -14.101 1.00 89.53 ? 121 HOH A O   1 
HETATM 665 O  O   . HOH C 3 .  ? -15.450 -4.407  2.985   1.00 92.30 ? 122 HOH A O   1 
HETATM 666 O  O   . HOH C 3 .  ? -18.353 10.361  11.091  1.00 76.97 ? 123 HOH A O   1 
HETATM 667 O  O   . HOH C 3 .  ? 9.717   -5.546  10.346  1.00 66.01 ? 124 HOH A O   1 
HETATM 668 O  O   . HOH C 3 .  ? -5.113  -8.405  8.735   1.00 89.93 ? 125 HOH A O   1 
HETATM 669 O  O   . HOH C 3 .  ? 18.043  -4.423  -0.748  1.00 90.84 ? 126 HOH A O   1 
HETATM 670 O  O   . HOH C 3 .  ? -10.796 -6.444  4.824   1.00 63.98 ? 127 HOH A O   1 
HETATM 671 O  O   . HOH C 3 .  ? -23.774 16.016  8.418   1.00 57.97 ? 128 HOH A O   1 
HETATM 672 O  O   . HOH C 3 .  ? 3.729   3.749   -17.213 1.00 72.40 ? 129 HOH A O   1 
HETATM 673 O  O   . HOH C 3 .  ? 3.050   -8.435  10.458  1.00 81.89 ? 130 HOH A O   1 
HETATM 674 O  O   . HOH C 3 .  ? 1.562   9.376   2.471   1.00 86.24 ? 131 HOH A O   1 
HETATM 675 O  O   . HOH C 3 .  ? -1.750  -14.347 -0.484  1.00 76.11 ? 132 HOH A O   1 
HETATM 676 O  O   . HOH C 3 .  ? -17.911 -2.529  7.886   1.00 76.29 ? 133 HOH A O   1 
HETATM 677 O  O   . HOH C 3 .  ? 10.641  -9.816  2.020   1.00 92.04 ? 134 HOH A O   1 
HETATM 678 O  O   . HOH C 3 .  ? 9.392   10.935  -7.389  1.00 81.68 ? 135 HOH A O   1 
HETATM 679 O  O   . HOH C 3 .  ? 9.866   4.577   -12.753 1.00 99.55 ? 136 HOH A O   1 
HETATM 680 O  O   . HOH C 3 .  ? 0.253   -13.092 3.512   1.00 76.66 ? 137 HOH A O   1 
HETATM 681 O  O   . HOH C 3 .  ? -28.742 6.709   7.234   1.00 88.16 ? 138 HOH A O   1 
HETATM 682 O  O   . HOH C 3 .  ? -9.185  -8.728  7.307   1.00 84.79 ? 139 HOH A O   1 
HETATM 683 O  O   . HOH C 3 .  ? 7.463   -9.412  7.599   1.00 76.11 ? 140 HOH A O   1 
HETATM 684 O  O   . HOH C 3 .  ? -5.873  -8.793  1.036   1.00 88.77 ? 141 HOH A O   1 
HETATM 685 O  O   . HOH C 3 .  ? -36.005 11.574  10.674  1.00 85.19 ? 142 HOH A O   1 
HETATM 686 O  O   . HOH C 3 .  ? 16.218  -3.681  7.180   1.00 89.74 ? 143 HOH A O   1 
HETATM 687 O  O   . HOH C 3 .  ? -5.742  -13.354 5.585   1.00 87.34 ? 144 HOH A O   1 
HETATM 688 O  O   . HOH C 3 .  ? 3.796   1.785   -11.176 1.00 78.61 ? 145 HOH A O   1 
HETATM 689 O  O   . HOH C 3 .  ? -21.161 9.617   9.638   1.00 69.99 ? 146 HOH A O   1 
HETATM 690 O  O   . HOH C 3 .  ? -5.768  4.263   -8.904  1.00 91.85 ? 147 HOH A O   1 
HETATM 691 O  O   . HOH C 3 .  ? -6.249  -11.169 2.066   1.00 87.28 ? 148 HOH A O   1 
HETATM 692 O  O   . HOH C 3 .  ? 13.534  -3.407  -7.285  1.00 75.37 ? 149 HOH A O   1 
HETATM 693 O  O   . HOH C 3 .  ? -20.417 0.113   4.152   1.00 72.05 ? 150 HOH A O   1 
HETATM 694 O  O   . HOH C 3 .  ? -2.438  10.267  -11.843 1.00 83.60 ? 151 HOH A O   1 
HETATM 695 O  O   . HOH C 3 .  ? 18.005  -0.277  0.968   1.00 84.77 ? 152 HOH A O   1 
HETATM 696 O  O   . HOH C 3 .  ? 11.757  -3.919  -8.937  1.00 95.71 ? 153 HOH A O   1 
HETATM 697 O  O   . HOH C 3 .  ? -19.751 -0.527  -1.896  1.00 86.09 ? 154 HOH A O   1 
HETATM 698 O  O   . HOH C 3 .  ? 18.746  -8.455  -3.859  1.00 80.18 ? 155 HOH A O   1 
HETATM 699 O  O   . HOH C 3 .  ? 2.685   11.873  -2.981  1.00 91.50 ? 156 HOH A O   1 
# 
